data_3L8R
#
_entry.id   3L8R
#
_cell.length_a   127.400
_cell.length_b   127.400
_cell.length_c   190.600
_cell.angle_alpha   90.000
_cell.angle_beta   90.000
_cell.angle_gamma   120.000
#
_symmetry.space_group_name_H-M   'H 3'
#
loop_
_entity.id
_entity.type
_entity.pdbx_description
1 polymer 'Putative PTS system, cellobiose-specific IIA component'
2 water water
#
_entity_poly.entity_id   1
_entity_poly.type   'polypeptide(L)'
_entity_poly.pdbx_seq_one_letter_code
;GSHMASMTGGQQMGRGSMNTEELQVAAFEIILNSGNARSIVHEAFDAMREKNYILAEQKLQEANDELLKAHQAQTDLLQE
YASGTEIKIEIIMVHAQDHLMTTMTLREVAIEMLELYKKS
;
_entity_poly.pdbx_strand_id   A,B,C,D,E,F,G,H
#
# COMPACT_ATOMS: atom_id res chain seq x y z
N MET A 18 -22.82 17.33 22.47
CA MET A 18 -21.72 16.64 21.74
C MET A 18 -22.21 15.91 20.49
N ASN A 19 -22.54 16.63 19.42
CA ASN A 19 -22.89 18.09 19.39
C ASN A 19 -21.84 19.01 18.81
N THR A 20 -22.12 19.47 17.59
CA THR A 20 -21.11 20.11 16.70
C THR A 20 -20.53 21.38 17.25
N GLU A 21 -21.41 22.23 17.75
CA GLU A 21 -21.04 23.49 18.33
C GLU A 21 -20.11 23.26 19.51
N GLU A 22 -20.46 22.30 20.35
CA GLU A 22 -19.66 21.95 21.52
C GLU A 22 -18.27 21.44 21.20
N LEU A 23 -18.20 20.55 20.21
CA LEU A 23 -16.93 19.98 19.75
C LEU A 23 -16.06 20.96 18.99
N GLN A 24 -16.68 21.89 18.26
CA GLN A 24 -15.85 22.92 17.64
C GLN A 24 -15.30 23.82 18.74
N VAL A 25 -16.12 24.17 19.73
CA VAL A 25 -15.68 25.01 20.85
C VAL A 25 -14.49 24.35 21.53
N ALA A 26 -14.71 23.13 22.04
CA ALA A 26 -13.67 22.23 22.58
C ALA A 26 -12.41 22.20 21.72
N ALA A 27 -12.56 22.07 20.41
CA ALA A 27 -11.38 21.96 19.59
C ALA A 27 -10.62 23.27 19.57
N PHE A 28 -11.34 24.37 19.68
CA PHE A 28 -10.69 25.64 19.53
C PHE A 28 -10.06 26.02 20.83
N GLU A 29 -10.69 25.59 21.90
CA GLU A 29 -10.14 25.73 23.23
C GLU A 29 -8.77 25.04 23.33
N ILE A 30 -8.71 23.82 22.79
CA ILE A 30 -7.48 23.06 22.78
C ILE A 30 -6.42 23.75 21.90
N ILE A 31 -6.71 23.97 20.63
CA ILE A 31 -5.79 24.75 19.76
C ILE A 31 -5.33 26.10 20.32
N LEU A 32 -6.26 26.94 20.79
CA LEU A 32 -5.81 28.25 21.30
C LEU A 32 -4.91 28.15 22.51
N ASN A 33 -5.32 27.34 23.50
CA ASN A 33 -4.51 27.22 24.70
C ASN A 33 -3.23 26.46 24.48
N SER A 34 -3.23 25.48 23.59
CA SER A 34 -1.97 24.79 23.39
C SER A 34 -1.06 25.61 22.49
N GLY A 35 -1.65 26.36 21.54
CA GLY A 35 -0.90 27.31 20.70
C GLY A 35 -0.15 28.30 21.59
N ASN A 36 -0.84 28.86 22.56
CA ASN A 36 -0.23 29.77 23.49
C ASN A 36 0.88 29.08 24.27
N ALA A 37 0.61 27.86 24.75
CA ALA A 37 1.61 27.16 25.56
C ALA A 37 2.78 26.87 24.68
N ARG A 38 2.55 26.59 23.39
CA ARG A 38 3.69 26.38 22.53
C ARG A 38 4.54 27.62 22.37
N SER A 39 3.91 28.79 22.25
CA SER A 39 4.75 29.96 22.09
C SER A 39 5.51 30.22 23.37
N ILE A 40 4.94 29.84 24.51
CA ILE A 40 5.64 30.10 25.74
C ILE A 40 6.81 29.17 25.86
N VAL A 41 6.62 27.94 25.38
CA VAL A 41 7.73 27.01 25.45
C VAL A 41 8.89 27.56 24.63
N HIS A 42 8.57 28.13 23.45
CA HIS A 42 9.59 28.74 22.61
C HIS A 42 10.26 29.93 23.30
N GLU A 43 9.50 30.74 24.01
CA GLU A 43 10.10 31.71 24.94
C GLU A 43 11.13 31.02 25.83
N ALA A 44 10.75 29.93 26.50
CA ALA A 44 11.74 29.25 27.32
C ALA A 44 12.96 28.86 26.47
N PHE A 45 12.77 28.41 25.22
CA PHE A 45 13.94 28.14 24.39
C PHE A 45 14.75 29.42 24.08
N ASP A 46 14.09 30.56 23.92
CA ASP A 46 14.86 31.76 23.60
C ASP A 46 15.68 32.14 24.84
N ALA A 47 15.08 31.94 26.02
CA ALA A 47 15.66 32.35 27.30
C ALA A 47 16.78 31.43 27.73
N MET A 48 16.67 30.15 27.35
CA MET A 48 17.79 29.20 27.44
C MET A 48 18.96 29.73 26.61
N ARG A 49 18.65 30.13 25.38
CA ARG A 49 19.68 30.55 24.45
C ARG A 49 20.47 31.78 24.93
N GLU A 50 19.77 32.68 25.62
CA GLU A 50 20.36 33.90 26.18
C GLU A 50 21.04 33.63 27.52
N LYS A 51 21.20 32.35 27.86
CA LYS A 51 21.93 31.97 29.06
C LYS A 51 21.05 32.14 30.30
N ASN A 52 19.84 32.65 30.12
CA ASN A 52 18.91 32.98 31.23
C ASN A 52 17.98 31.85 31.77
N TYR A 53 18.56 30.95 32.58
CA TYR A 53 17.93 29.72 33.08
C TYR A 53 16.79 29.92 34.01
N ILE A 54 16.72 31.11 34.61
CA ILE A 54 15.62 31.47 35.48
C ILE A 54 14.34 31.63 34.72
N LEU A 55 14.39 32.49 33.72
CA LEU A 55 13.24 32.81 32.96
C LEU A 55 12.72 31.54 32.33
N ALA A 56 13.62 30.77 31.72
CA ALA A 56 13.29 29.57 30.98
C ALA A 56 12.56 28.57 31.86
N GLU A 57 13.06 28.39 33.09
CA GLU A 57 12.40 27.49 34.02
C GLU A 57 10.99 27.94 34.37
N GLN A 58 10.86 29.26 34.57
CA GLN A 58 9.56 29.92 34.86
C GLN A 58 8.63 29.82 33.68
N LYS A 59 9.14 30.11 32.49
CA LYS A 59 8.34 30.00 31.28
C LYS A 59 7.85 28.58 31.03
N LEU A 60 8.72 27.59 31.27
CA LEU A 60 8.25 26.19 31.27
C LEU A 60 7.10 25.90 32.23
N GLN A 61 7.00 26.62 33.32
CA GLN A 61 5.87 26.45 34.23
C GLN A 61 4.60 27.19 33.75
N GLU A 62 4.77 28.36 33.14
CA GLU A 62 3.62 29.03 32.58
C GLU A 62 3.03 28.23 31.46
N ALA A 63 3.91 27.72 30.59
CA ALA A 63 3.50 26.89 29.46
C ALA A 63 2.65 25.79 30.02
N ASN A 64 3.14 25.14 31.05
CA ASN A 64 2.34 24.17 31.77
C ASN A 64 0.98 24.69 32.27
N ASP A 65 0.95 25.87 32.91
CA ASP A 65 -0.32 26.44 33.33
C ASP A 65 -1.31 26.48 32.18
N GLU A 66 -0.85 26.93 31.01
CA GLU A 66 -1.70 26.99 29.84
C GLU A 66 -2.04 25.62 29.24
N LEU A 67 -1.00 24.79 29.10
CA LEU A 67 -1.19 23.46 28.56
C LEU A 67 -2.25 22.73 29.35
N LEU A 68 -2.19 22.82 30.67
CA LEU A 68 -3.19 22.18 31.52
C LEU A 68 -4.63 22.46 31.12
N LYS A 69 -4.90 23.69 30.68
CA LYS A 69 -6.27 24.01 30.26
C LYS A 69 -6.64 23.18 29.05
N ALA A 70 -5.65 22.99 28.17
CA ALA A 70 -5.82 22.18 26.96
C ALA A 70 -5.96 20.71 27.31
N HIS A 71 -5.08 20.20 28.17
CA HIS A 71 -5.19 18.80 28.60
C HIS A 71 -6.56 18.55 29.24
N GLN A 72 -7.05 19.47 30.07
CA GLN A 72 -8.34 19.28 30.74
C GLN A 72 -9.44 19.09 29.72
N ALA A 73 -9.45 19.95 28.70
CA ALA A 73 -10.49 19.86 27.71
C ALA A 73 -10.40 18.55 26.94
N GLN A 74 -9.19 18.14 26.56
CA GLN A 74 -9.04 16.79 25.99
C GLN A 74 -9.49 15.70 26.97
N THR A 75 -9.15 15.84 28.24
CA THR A 75 -9.56 14.81 29.19
C THR A 75 -11.09 14.70 29.30
N ASP A 76 -11.78 15.84 29.22
CA ASP A 76 -13.24 15.85 29.38
C ASP A 76 -13.86 15.13 28.20
N LEU A 77 -13.30 15.37 27.01
CA LEU A 77 -13.75 14.68 25.80
C LEU A 77 -13.57 13.19 25.88
N LEU A 78 -12.35 12.76 26.20
CA LEU A 78 -12.07 11.34 26.38
C LEU A 78 -13.03 10.72 27.40
N GLN A 79 -13.18 11.38 28.55
CA GLN A 79 -14.00 10.86 29.65
C GLN A 79 -15.50 10.82 29.25
N GLU A 80 -15.94 11.84 28.51
CA GLU A 80 -17.24 11.82 27.85
C GLU A 80 -17.37 10.63 26.92
N TYR A 81 -16.37 10.42 26.06
CA TYR A 81 -16.41 9.26 25.17
C TYR A 81 -16.48 7.96 25.97
N ALA A 82 -15.68 7.87 27.04
CA ALA A 82 -15.61 6.63 27.82
C ALA A 82 -16.95 6.28 28.47
N SER A 83 -17.76 7.30 28.76
CA SER A 83 -19.05 7.11 29.40
C SER A 83 -20.16 6.75 28.42
N GLY A 84 -19.81 6.55 27.15
CA GLY A 84 -20.76 6.11 26.14
C GLY A 84 -21.29 7.18 25.21
N THR A 85 -20.96 8.45 25.48
CA THR A 85 -21.35 9.55 24.56
C THR A 85 -20.64 9.46 23.19
N GLU A 86 -21.40 9.59 22.13
CA GLU A 86 -20.89 9.52 20.76
C GLU A 86 -20.29 10.85 20.39
N ILE A 87 -19.19 10.79 19.64
CA ILE A 87 -18.37 11.95 19.28
C ILE A 87 -17.79 11.76 17.89
N LYS A 88 -18.32 12.48 16.91
CA LYS A 88 -17.79 12.38 15.56
C LYS A 88 -16.62 13.29 15.47
N ILE A 89 -15.47 12.70 15.29
CA ILE A 89 -14.30 13.53 15.20
C ILE A 89 -14.19 14.14 13.81
N GLU A 90 -13.77 15.39 13.82
CA GLU A 90 -13.61 16.14 12.64
C GLU A 90 -12.11 16.47 12.56
N ILE A 91 -11.59 16.68 11.35
CA ILE A 91 -10.20 17.07 11.23
C ILE A 91 -9.76 18.12 12.26
N ILE A 92 -10.62 19.10 12.54
CA ILE A 92 -10.29 20.16 13.44
C ILE A 92 -9.94 19.57 14.81
N MET A 93 -10.68 18.55 15.20
CA MET A 93 -10.34 17.89 16.45
C MET A 93 -8.99 17.17 16.37
N VAL A 94 -8.80 16.38 15.30
CA VAL A 94 -7.53 15.72 15.10
C VAL A 94 -6.41 16.73 15.22
N HIS A 95 -6.66 17.92 14.68
CA HIS A 95 -5.60 18.90 14.53
C HIS A 95 -5.30 19.47 15.87
N ALA A 96 -6.37 19.82 16.61
CA ALA A 96 -6.29 20.26 17.99
C ALA A 96 -5.59 19.24 18.92
N GLN A 97 -6.01 17.97 18.87
CA GLN A 97 -5.29 16.94 19.58
C GLN A 97 -3.83 16.86 19.17
N ASP A 98 -3.52 17.10 17.90
CA ASP A 98 -2.10 16.98 17.52
C ASP A 98 -1.37 18.18 18.13
N HIS A 99 -2.05 19.31 18.22
CA HIS A 99 -1.40 20.48 18.75
C HIS A 99 -1.17 20.27 20.24
N LEU A 100 -2.19 19.79 20.94
CA LEU A 100 -1.99 19.47 22.35
C LEU A 100 -0.84 18.48 22.56
N MET A 101 -0.86 17.34 21.89
CA MET A 101 0.09 16.30 22.24
C MET A 101 1.49 16.62 21.71
N THR A 102 1.65 17.32 20.59
CA THR A 102 3.01 17.69 20.23
C THR A 102 3.53 18.79 21.12
N THR A 103 2.62 19.63 21.59
CA THR A 103 3.05 20.73 22.43
C THR A 103 3.48 20.21 23.79
N MET A 104 2.75 19.23 24.33
CA MET A 104 3.24 18.50 25.52
C MET A 104 4.63 17.88 25.29
N THR A 105 4.77 17.10 24.23
CA THR A 105 6.05 16.52 23.90
C THR A 105 7.11 17.61 23.82
N LEU A 106 6.77 18.76 23.21
CA LEU A 106 7.77 19.79 23.06
C LEU A 106 8.16 20.38 24.43
N ARG A 107 7.19 20.61 25.34
CA ARG A 107 7.57 21.05 26.72
C ARG A 107 8.50 20.04 27.35
N GLU A 108 8.19 18.75 27.22
CA GLU A 108 9.00 17.67 27.76
C GLU A 108 10.42 17.78 27.27
N VAL A 109 10.61 17.91 25.96
CA VAL A 109 11.97 18.24 25.55
C VAL A 109 12.06 19.71 25.80
N ALA A 110 13.05 20.15 26.51
CA ALA A 110 12.95 21.57 26.90
C ALA A 110 13.09 21.54 28.35
N ILE A 111 12.22 20.79 29.04
CA ILE A 111 12.48 20.52 30.45
C ILE A 111 13.85 19.83 30.49
N GLU A 112 14.07 18.86 29.62
CA GLU A 112 15.34 18.14 29.58
C GLU A 112 16.45 19.05 29.07
N MET A 113 16.11 19.88 28.12
CA MET A 113 17.13 20.61 27.45
C MET A 113 17.65 21.73 28.31
N LEU A 114 16.75 22.26 29.13
CA LEU A 114 17.09 23.20 30.17
C LEU A 114 18.08 22.52 31.10
N GLU A 115 17.76 21.31 31.58
CA GLU A 115 18.75 20.56 32.35
C GLU A 115 20.14 20.51 31.71
N LEU A 116 20.23 20.10 30.45
CA LEU A 116 21.49 20.05 29.67
C LEU A 116 22.12 21.42 29.50
N TYR A 117 21.32 22.46 29.39
CA TYR A 117 21.90 23.77 29.20
C TYR A 117 22.75 24.09 30.38
N LYS A 118 22.27 23.71 31.56
CA LYS A 118 22.95 23.96 32.83
C LYS A 118 24.29 23.18 32.97
N LYS A 119 24.27 21.85 32.74
CA LYS A 119 25.45 20.95 32.82
C LYS A 119 26.73 21.41 32.08
N MET B 18 -14.35 -6.88 16.71
CA MET B 18 -15.21 -6.61 15.52
C MET B 18 -16.43 -5.78 15.97
N ASN B 19 -16.60 -4.59 15.39
CA ASN B 19 -15.49 -3.86 14.85
C ASN B 19 -15.16 -2.85 15.90
N THR B 20 -16.21 -2.29 16.50
CA THR B 20 -16.04 -1.20 17.42
C THR B 20 -15.27 -1.61 18.69
N GLU B 21 -15.43 -2.87 19.09
CA GLU B 21 -14.75 -3.44 20.26
C GLU B 21 -13.29 -3.73 19.93
N GLU B 22 -13.09 -4.27 18.74
CA GLU B 22 -11.78 -4.59 18.19
C GLU B 22 -10.91 -3.34 18.09
N LEU B 23 -11.50 -2.21 17.68
CA LEU B 23 -10.77 -0.94 17.50
C LEU B 23 -10.49 -0.30 18.83
N GLN B 24 -11.37 -0.55 19.78
CA GLN B 24 -11.14 -0.14 21.13
C GLN B 24 -9.97 -0.95 21.70
N VAL B 25 -9.88 -2.22 21.35
CA VAL B 25 -8.77 -3.04 21.86
C VAL B 25 -7.47 -2.55 21.21
N ALA B 26 -7.49 -2.35 19.90
CA ALA B 26 -6.35 -1.80 19.19
C ALA B 26 -5.91 -0.45 19.81
N ALA B 27 -6.80 0.53 19.84
CA ALA B 27 -6.52 1.77 20.54
C ALA B 27 -5.81 1.51 21.88
N PHE B 28 -6.44 0.77 22.80
CA PHE B 28 -5.81 0.49 24.11
C PHE B 28 -4.44 -0.22 24.07
N GLU B 29 -4.30 -1.17 23.16
CA GLU B 29 -2.98 -1.75 22.92
C GLU B 29 -1.89 -0.70 22.59
N ILE B 30 -2.17 0.19 21.65
CA ILE B 30 -1.26 1.28 21.36
C ILE B 30 -1.00 2.16 22.61
N ILE B 31 -2.06 2.62 23.29
CA ILE B 31 -1.91 3.49 24.46
C ILE B 31 -1.15 2.81 25.61
N LEU B 32 -1.56 1.62 26.02
CA LEU B 32 -0.80 0.97 27.11
C LEU B 32 0.65 0.86 26.73
N ASN B 33 0.89 0.39 25.53
CA ASN B 33 2.27 0.13 25.22
C ASN B 33 3.05 1.40 25.01
N SER B 34 2.43 2.41 24.40
CA SER B 34 3.14 3.66 24.23
C SER B 34 3.47 4.37 25.55
N GLY B 35 2.52 4.28 26.50
CA GLY B 35 2.65 4.95 27.81
C GLY B 35 3.79 4.29 28.54
N ASN B 36 3.91 2.99 28.33
CA ASN B 36 5.04 2.28 28.91
C ASN B 36 6.37 2.80 28.31
N ALA B 37 6.39 2.92 26.99
CA ALA B 37 7.57 3.37 26.28
C ALA B 37 7.91 4.74 26.82
N ARG B 38 6.88 5.59 26.99
CA ARG B 38 7.12 6.97 27.35
C ARG B 38 7.84 7.13 28.71
N SER B 39 7.44 6.42 29.76
CA SER B 39 8.18 6.62 31.05
C SER B 39 9.48 5.88 31.05
N ILE B 40 9.60 4.94 30.13
CA ILE B 40 10.90 4.34 29.98
C ILE B 40 11.83 5.39 29.34
N VAL B 41 11.38 6.09 28.28
CA VAL B 41 12.12 7.25 27.77
C VAL B 41 12.37 8.29 28.87
N HIS B 42 11.44 8.45 29.82
CA HIS B 42 11.71 9.40 30.89
C HIS B 42 12.77 8.93 31.90
N GLU B 43 12.73 7.63 32.21
CA GLU B 43 13.83 6.94 32.93
C GLU B 43 15.18 7.21 32.25
N ALA B 44 15.23 7.05 30.94
CA ALA B 44 16.46 7.35 30.19
C ALA B 44 16.84 8.80 30.38
N PHE B 45 15.93 9.74 30.20
CA PHE B 45 16.29 11.14 30.54
C PHE B 45 16.85 11.31 31.98
N ASP B 46 16.20 10.67 32.95
CA ASP B 46 16.67 10.70 34.33
C ASP B 46 18.11 10.19 34.44
N ALA B 47 18.46 9.17 33.65
CA ALA B 47 19.81 8.61 33.74
C ALA B 47 20.82 9.56 33.18
N MET B 48 20.64 10.00 31.95
CA MET B 48 21.58 10.97 31.40
C MET B 48 21.70 12.20 32.32
N ARG B 49 20.61 12.59 32.95
CA ARG B 49 20.71 13.63 33.97
C ARG B 49 21.80 13.28 35.00
N GLU B 50 21.82 12.03 35.48
CA GLU B 50 22.84 11.56 36.44
C GLU B 50 24.19 11.06 35.83
N LYS B 51 24.54 11.54 34.64
CA LYS B 51 25.81 11.15 33.94
C LYS B 51 25.93 9.61 33.67
N ASN B 52 24.89 8.87 34.01
CA ASN B 52 24.89 7.45 33.83
C ASN B 52 24.40 7.08 32.42
N TYR B 53 25.30 7.18 31.43
CA TYR B 53 24.94 6.95 30.05
C TYR B 53 24.66 5.52 29.71
N ILE B 54 25.28 4.59 30.41
CA ILE B 54 24.96 3.21 30.16
C ILE B 54 23.47 2.97 30.46
N LEU B 55 22.99 3.41 31.62
CA LEU B 55 21.57 3.18 31.96
C LEU B 55 20.62 3.82 30.95
N ALA B 56 20.93 5.05 30.57
CA ALA B 56 20.17 5.86 29.64
C ALA B 56 20.08 5.18 28.31
N GLU B 57 21.20 4.61 27.85
CA GLU B 57 21.19 3.91 26.59
C GLU B 57 20.36 2.64 26.66
N GLN B 58 20.57 1.79 27.67
CA GLN B 58 19.77 0.56 27.71
C GLN B 58 18.27 0.82 27.88
N LYS B 59 17.90 1.71 28.79
CA LYS B 59 16.52 2.20 28.85
C LYS B 59 15.99 2.71 27.50
N LEU B 60 16.84 3.40 26.75
CA LEU B 60 16.47 3.80 25.38
C LEU B 60 16.12 2.64 24.50
N GLN B 61 16.77 1.49 24.70
CA GLN B 61 16.36 0.30 23.94
C GLN B 61 15.17 -0.46 24.55
N GLU B 62 15.01 -0.41 25.87
CA GLU B 62 13.83 -1.03 26.48
C GLU B 62 12.59 -0.32 25.98
N ALA B 63 12.65 1.01 25.89
CA ALA B 63 11.51 1.74 25.38
C ALA B 63 11.22 1.35 23.91
N ASN B 64 12.25 1.02 23.12
CA ASN B 64 12.02 0.51 21.78
C ASN B 64 11.21 -0.75 21.76
N ASP B 65 11.64 -1.69 22.60
CA ASP B 65 10.97 -2.96 22.76
C ASP B 65 9.49 -2.72 22.92
N GLU B 66 9.15 -1.87 23.87
CA GLU B 66 7.78 -1.60 24.11
C GLU B 66 7.17 -0.91 22.92
N LEU B 67 7.85 0.11 22.43
CA LEU B 67 7.22 1.02 21.49
C LEU B 67 6.80 0.27 20.25
N LEU B 68 7.58 -0.70 19.78
CA LEU B 68 7.13 -1.38 18.55
C LEU B 68 5.92 -2.27 18.71
N LYS B 69 5.63 -2.71 19.93
CA LYS B 69 4.37 -3.44 20.14
C LYS B 69 3.25 -2.52 19.71
N ALA B 70 3.31 -1.27 20.21
CA ALA B 70 2.37 -0.22 19.77
C ALA B 70 2.47 0.07 18.25
N HIS B 71 3.65 0.39 17.76
CA HIS B 71 3.87 0.54 16.30
C HIS B 71 3.20 -0.53 15.45
N GLN B 72 3.52 -1.80 15.69
CA GLN B 72 2.84 -2.92 15.00
C GLN B 72 1.34 -2.83 15.16
N ALA B 73 0.85 -2.44 16.33
CA ALA B 73 -0.63 -2.35 16.43
C ALA B 73 -1.13 -1.38 15.39
N GLN B 74 -0.49 -0.21 15.31
CA GLN B 74 -0.83 0.83 14.35
C GLN B 74 -0.69 0.33 12.93
N THR B 75 0.44 -0.30 12.64
CA THR B 75 0.67 -0.82 11.30
C THR B 75 -0.45 -1.78 10.87
N ASP B 76 -0.83 -2.69 11.76
CA ASP B 76 -1.88 -3.68 11.43
C ASP B 76 -3.20 -3.00 11.11
N LEU B 77 -3.45 -1.94 11.86
CA LEU B 77 -4.61 -1.08 11.64
C LEU B 77 -4.51 -0.33 10.31
N LEU B 78 -3.33 0.18 9.99
CA LEU B 78 -3.11 0.85 8.70
C LEU B 78 -3.25 -0.13 7.53
N GLN B 79 -2.68 -1.33 7.70
CA GLN B 79 -2.86 -2.43 6.74
C GLN B 79 -4.30 -2.84 6.47
N GLU B 80 -5.12 -2.96 7.50
CA GLU B 80 -6.54 -3.28 7.29
C GLU B 80 -7.28 -2.22 6.45
N TYR B 81 -6.99 -0.96 6.71
CA TYR B 81 -7.56 0.13 5.99
C TYR B 81 -7.14 0.08 4.54
N ALA B 82 -5.82 0.01 4.31
CA ALA B 82 -5.31 -0.26 2.97
C ALA B 82 -5.63 -1.73 2.73
N SER B 83 -6.74 -2.01 2.04
CA SER B 83 -7.19 -3.36 1.68
C SER B 83 -8.69 -3.35 1.69
N GLY B 84 -9.25 -2.40 2.45
CA GLY B 84 -10.61 -1.97 2.22
C GLY B 84 -11.59 -2.07 3.34
N THR B 85 -11.21 -2.78 4.40
CA THR B 85 -12.07 -2.94 5.57
C THR B 85 -12.25 -1.58 6.30
N GLU B 86 -13.49 -1.16 6.49
CA GLU B 86 -13.71 0.20 6.97
C GLU B 86 -13.44 0.36 8.44
N ILE B 87 -12.71 1.42 8.76
CA ILE B 87 -12.30 1.71 10.12
C ILE B 87 -12.85 3.07 10.51
N LYS B 88 -13.77 3.07 11.44
CA LYS B 88 -14.44 4.30 11.83
C LYS B 88 -13.68 4.81 13.04
N ILE B 89 -13.16 6.03 12.87
CA ILE B 89 -12.16 6.55 13.77
C ILE B 89 -12.54 6.54 15.25
N GLU B 90 -13.10 7.60 15.79
CA GLU B 90 -13.23 7.56 17.22
C GLU B 90 -12.06 8.23 17.93
N ILE B 91 -12.41 9.08 18.88
CA ILE B 91 -11.46 9.93 19.56
C ILE B 91 -10.35 9.19 20.27
N ILE B 92 -10.63 7.95 20.75
CA ILE B 92 -9.59 7.14 21.46
C ILE B 92 -8.54 6.63 20.51
N MET B 93 -8.94 6.29 19.29
CA MET B 93 -7.93 5.99 18.27
C MET B 93 -6.97 7.17 18.04
N VAL B 94 -7.53 8.36 17.74
CA VAL B 94 -6.77 9.56 17.57
C VAL B 94 -5.81 9.71 18.72
N HIS B 95 -6.35 9.60 19.93
CA HIS B 95 -5.52 9.81 21.13
C HIS B 95 -4.43 8.81 21.28
N ALA B 96 -4.74 7.57 20.94
CA ALA B 96 -3.74 6.52 20.83
C ALA B 96 -2.61 6.87 19.83
N GLN B 97 -3.03 7.21 18.61
CA GLN B 97 -2.06 7.48 17.58
C GLN B 97 -1.20 8.60 18.04
N ASP B 98 -1.78 9.60 18.71
CA ASP B 98 -0.98 10.73 19.08
C ASP B 98 0.05 10.25 19.99
N HIS B 99 -0.37 9.45 20.94
CA HIS B 99 0.47 8.90 21.95
C HIS B 99 1.60 8.05 21.38
N LEU B 100 1.34 7.18 20.40
CA LEU B 100 2.47 6.42 19.74
C LEU B 100 3.50 7.37 19.19
N MET B 101 3.03 8.18 18.24
CA MET B 101 3.84 8.95 17.33
C MET B 101 4.61 10.04 18.06
N THR B 102 3.99 10.57 19.10
CA THR B 102 4.56 11.60 19.94
C THR B 102 5.58 10.94 20.87
N THR B 103 5.29 9.71 21.28
CA THR B 103 6.28 8.95 22.03
C THR B 103 7.47 8.54 21.16
N MET B 104 7.17 8.16 19.91
CA MET B 104 8.24 7.87 19.00
C MET B 104 9.07 9.10 18.85
N THR B 105 8.44 10.22 18.52
CA THR B 105 9.30 11.41 18.45
C THR B 105 10.05 11.79 19.74
N LEU B 106 9.45 11.64 20.90
CA LEU B 106 10.19 11.87 22.17
C LEU B 106 11.44 11.02 22.21
N ARG B 107 11.33 9.78 21.76
CA ARG B 107 12.46 8.85 21.87
C ARG B 107 13.53 9.22 20.86
N GLU B 108 13.12 9.58 19.64
CA GLU B 108 14.06 10.11 18.68
C GLU B 108 14.82 11.28 19.29
N VAL B 109 14.10 12.17 19.95
CA VAL B 109 14.82 13.26 20.57
C VAL B 109 15.73 12.66 21.67
N ALA B 110 15.22 11.76 22.49
CA ALA B 110 16.05 11.28 23.61
C ALA B 110 17.39 10.74 23.13
N ILE B 111 17.35 9.92 22.05
CA ILE B 111 18.55 9.39 21.43
C ILE B 111 19.54 10.56 21.14
N GLU B 112 19.20 11.43 20.21
CA GLU B 112 20.03 12.59 19.94
C GLU B 112 20.56 13.33 21.16
N MET B 113 19.73 13.48 22.18
CA MET B 113 20.21 14.13 23.37
C MET B 113 21.20 13.31 24.17
N LEU B 114 21.16 12.00 24.03
CA LEU B 114 22.14 11.20 24.72
C LEU B 114 23.47 11.61 24.14
N GLU B 115 23.45 11.82 22.83
CA GLU B 115 24.68 12.08 22.13
C GLU B 115 25.36 13.43 22.53
N LEU B 116 24.59 14.49 22.72
CA LEU B 116 25.19 15.69 23.31
C LEU B 116 25.66 15.32 24.71
N TYR B 117 24.74 14.85 25.54
CA TYR B 117 25.15 14.48 26.89
C TYR B 117 26.56 13.86 26.94
N LYS B 118 26.78 12.80 26.16
CA LYS B 118 28.06 12.06 26.14
C LYS B 118 29.29 12.93 25.78
N LYS B 119 29.05 14.18 25.41
CA LYS B 119 30.14 15.16 25.38
C LYS B 119 29.75 16.42 26.15
N MET C 18 -16.51 16.52 0.00
CA MET C 18 -15.25 16.01 -0.66
C MET C 18 -14.97 14.50 -0.46
N ASN C 19 -14.48 13.89 -1.54
CA ASN C 19 -14.56 12.45 -1.77
C ASN C 19 -13.40 11.71 -1.18
N THR C 20 -13.62 10.44 -0.95
CA THR C 20 -12.70 9.60 -0.20
C THR C 20 -11.32 9.44 -0.88
N GLU C 21 -11.32 9.60 -2.21
CA GLU C 21 -10.12 9.41 -3.00
C GLU C 21 -9.26 10.64 -2.96
N GLU C 22 -9.85 11.80 -3.19
CA GLU C 22 -9.17 13.08 -3.01
C GLU C 22 -8.49 13.15 -1.63
N LEU C 23 -9.18 12.67 -0.60
CA LEU C 23 -8.67 12.68 0.79
C LEU C 23 -7.53 11.72 0.97
N GLN C 24 -7.65 10.53 0.38
CA GLN C 24 -6.58 9.54 0.46
C GLN C 24 -5.32 10.12 -0.15
N VAL C 25 -5.46 10.85 -1.26
CA VAL C 25 -4.31 11.44 -1.95
C VAL C 25 -3.61 12.53 -1.09
N ALA C 26 -4.41 13.52 -0.67
CA ALA C 26 -4.03 14.50 0.34
C ALA C 26 -3.31 13.84 1.46
N ALA C 27 -3.79 12.71 1.96
CA ALA C 27 -3.04 12.04 2.99
C ALA C 27 -1.63 11.58 2.57
N PHE C 28 -1.48 10.73 1.55
CA PHE C 28 -0.16 10.20 1.23
C PHE C 28 0.73 11.38 0.91
N GLU C 29 0.19 12.40 0.27
CA GLU C 29 0.99 13.59 0.02
C GLU C 29 1.65 14.00 1.32
N ILE C 30 0.84 14.47 2.28
CA ILE C 30 1.29 14.78 3.62
C ILE C 30 2.26 13.74 4.14
N ILE C 31 1.88 12.47 4.18
CA ILE C 31 2.79 11.43 4.68
C ILE C 31 4.08 11.39 3.90
N LEU C 32 3.95 11.37 2.57
CA LEU C 32 5.15 11.35 1.73
C LEU C 32 6.13 12.53 1.96
N ASN C 33 5.63 13.75 1.88
CA ASN C 33 6.47 14.90 2.07
C ASN C 33 7.08 15.04 3.44
N SER C 34 6.30 14.63 4.43
CA SER C 34 6.68 14.82 5.78
C SER C 34 7.64 13.71 6.20
N GLY C 35 7.43 12.50 5.67
CA GLY C 35 8.43 11.42 5.88
C GLY C 35 9.76 11.92 5.36
N ASN C 36 9.72 12.53 4.19
CA ASN C 36 10.94 13.03 3.58
C ASN C 36 11.58 14.16 4.37
N ALA C 37 10.81 15.16 4.75
CA ALA C 37 11.31 16.13 5.70
C ALA C 37 11.93 15.49 6.96
N ARG C 38 11.39 14.37 7.39
CA ARG C 38 11.82 13.82 8.66
C ARG C 38 13.19 13.19 8.50
N SER C 39 13.43 12.53 7.39
CA SER C 39 14.75 11.94 7.15
C SER C 39 15.73 13.06 7.02
N ILE C 40 15.29 14.16 6.40
CA ILE C 40 16.18 15.29 6.27
C ILE C 40 16.56 15.87 7.62
N VAL C 41 15.64 15.85 8.59
CA VAL C 41 15.94 16.40 9.91
C VAL C 41 16.97 15.53 10.58
N HIS C 42 16.85 14.21 10.39
CA HIS C 42 17.86 13.30 10.96
C HIS C 42 19.24 13.45 10.27
N GLU C 43 19.20 13.92 9.03
CA GLU C 43 20.43 14.31 8.33
C GLU C 43 21.04 15.49 9.06
N ALA C 44 20.21 16.44 9.46
CA ALA C 44 20.74 17.57 10.20
C ALA C 44 21.26 17.12 11.58
N PHE C 45 20.65 16.07 12.12
CA PHE C 45 21.15 15.54 13.36
C PHE C 45 22.49 14.91 13.12
N ASP C 46 22.58 14.13 12.05
CA ASP C 46 23.81 13.44 11.70
C ASP C 46 24.91 14.49 11.54
N ALA C 47 24.61 15.60 10.88
CA ALA C 47 25.57 16.71 10.74
C ALA C 47 26.01 17.35 12.06
N MET C 48 25.09 17.53 13.01
CA MET C 48 25.50 18.05 14.32
C MET C 48 26.47 17.09 15.01
N ARG C 49 26.42 15.81 14.61
CA ARG C 49 27.34 14.79 15.14
C ARG C 49 28.73 14.87 14.49
N GLU C 50 28.78 15.38 13.26
CA GLU C 50 30.05 15.49 12.58
C GLU C 50 30.69 16.82 12.93
N LYS C 51 29.95 17.63 13.69
CA LYS C 51 30.28 19.03 14.01
C LYS C 51 30.19 19.84 12.73
N ASN C 52 29.31 19.42 11.84
CA ASN C 52 29.02 20.11 10.60
C ASN C 52 27.87 21.09 10.78
N TYR C 53 28.10 22.15 11.53
CA TYR C 53 27.00 22.99 11.99
C TYR C 53 26.34 23.85 10.95
N ILE C 54 26.80 23.73 9.71
CA ILE C 54 26.42 24.63 8.65
C ILE C 54 25.65 23.76 7.68
N LEU C 55 26.11 22.54 7.52
CA LEU C 55 25.37 21.52 6.84
C LEU C 55 24.03 21.39 7.57
N ALA C 56 24.10 20.98 8.84
CA ALA C 56 22.94 20.90 9.72
C ALA C 56 22.00 22.09 9.56
N GLU C 57 22.53 23.32 9.60
CA GLU C 57 21.71 24.52 9.44
C GLU C 57 20.94 24.42 8.15
N GLN C 58 21.62 24.00 7.13
CA GLN C 58 21.05 24.00 5.82
C GLN C 58 19.98 22.91 5.63
N LYS C 59 20.28 21.70 6.11
CA LYS C 59 19.34 20.59 6.02
C LYS C 59 18.05 20.91 6.76
N LEU C 60 18.18 21.64 7.85
CA LEU C 60 17.01 22.15 8.55
C LEU C 60 16.17 23.03 7.65
N GLN C 61 16.79 23.62 6.63
CA GLN C 61 16.08 24.42 5.64
C GLN C 61 15.44 23.58 4.55
N GLU C 62 16.20 22.61 4.03
CA GLU C 62 15.62 21.63 3.12
C GLU C 62 14.40 21.05 3.80
N ALA C 63 14.61 20.39 4.93
CA ALA C 63 13.51 19.84 5.71
C ALA C 63 12.33 20.81 5.75
N ASN C 64 12.58 22.06 6.11
CA ASN C 64 11.52 23.06 6.03
C ASN C 64 10.87 23.24 4.64
N ASP C 65 11.64 23.40 3.58
CA ASP C 65 11.03 23.38 2.25
C ASP C 65 10.14 22.17 2.02
N GLU C 66 10.59 20.97 2.43
CA GLU C 66 9.78 19.78 2.22
C GLU C 66 8.53 19.81 3.08
N LEU C 67 8.67 20.21 4.36
CA LEU C 67 7.54 20.26 5.30
C LEU C 67 6.44 21.23 4.91
N LEU C 68 6.82 22.41 4.42
CA LEU C 68 5.81 23.40 4.01
C LEU C 68 4.82 22.81 3.00
N LYS C 69 5.30 21.82 2.24
CA LYS C 69 4.46 21.09 1.32
C LYS C 69 3.34 20.34 2.02
N ALA C 70 3.72 19.41 2.90
CA ALA C 70 2.76 18.70 3.74
C ALA C 70 1.94 19.73 4.51
N HIS C 71 2.60 20.71 5.10
CA HIS C 71 1.89 21.70 5.85
C HIS C 71 0.81 22.40 5.04
N GLN C 72 1.12 22.76 3.80
CA GLN C 72 0.21 23.48 2.91
C GLN C 72 -0.95 22.54 2.67
N ALA C 73 -0.64 21.27 2.42
CA ALA C 73 -1.71 20.31 2.16
C ALA C 73 -2.67 20.28 3.36
N GLN C 74 -2.14 20.06 4.57
CA GLN C 74 -2.97 20.09 5.77
C GLN C 74 -3.81 21.35 5.91
N THR C 75 -3.18 22.51 5.80
CA THR C 75 -3.94 23.77 5.93
C THR C 75 -5.11 23.95 4.90
N ASP C 76 -4.94 23.46 3.66
CA ASP C 76 -6.03 23.50 2.69
C ASP C 76 -7.18 22.58 3.04
N LEU C 77 -6.85 21.43 3.61
CA LEU C 77 -7.84 20.47 4.09
C LEU C 77 -8.72 21.05 5.18
N LEU C 78 -8.11 21.71 6.17
CA LEU C 78 -8.92 22.30 7.23
C LEU C 78 -9.54 23.63 6.82
N GLN C 79 -8.90 24.31 5.88
CA GLN C 79 -9.48 25.47 5.19
C GLN C 79 -10.72 25.01 4.48
N GLU C 80 -10.54 23.99 3.68
CA GLU C 80 -11.69 23.36 3.07
C GLU C 80 -12.74 23.00 4.13
N TYR C 81 -12.35 22.43 5.27
CA TYR C 81 -13.32 22.11 6.35
C TYR C 81 -13.95 23.36 6.99
N ALA C 82 -13.14 24.40 7.20
CA ALA C 82 -13.57 25.71 7.78
C ALA C 82 -14.71 26.32 6.98
N SER C 83 -14.67 26.07 5.68
CA SER C 83 -15.57 26.68 4.73
C SER C 83 -16.83 25.84 4.50
N GLY C 84 -16.93 24.72 5.23
CA GLY C 84 -18.17 23.93 5.25
C GLY C 84 -18.15 22.59 4.53
N THR C 85 -17.11 22.31 3.76
CA THR C 85 -16.96 20.99 3.17
C THR C 85 -16.86 19.89 4.28
N GLU C 86 -17.58 18.78 4.10
CA GLU C 86 -17.56 17.73 5.12
C GLU C 86 -16.46 16.78 4.71
N ILE C 87 -15.65 16.40 5.70
CA ILE C 87 -14.51 15.49 5.56
C ILE C 87 -14.58 14.31 6.52
N LYS C 88 -14.94 13.14 6.02
CA LYS C 88 -14.93 11.96 6.85
C LYS C 88 -13.49 11.59 7.05
N ILE C 89 -13.18 11.11 8.25
CA ILE C 89 -11.80 11.12 8.67
C ILE C 89 -10.86 10.13 8.10
N GLU C 90 -10.97 8.89 8.51
CA GLU C 90 -10.02 7.91 8.03
C GLU C 90 -8.70 7.89 8.80
N ILE C 91 -8.35 6.70 9.22
CA ILE C 91 -7.16 6.46 9.95
C ILE C 91 -5.87 6.91 9.23
N ILE C 92 -5.79 6.91 7.89
CA ILE C 92 -4.54 7.33 7.26
C ILE C 92 -4.39 8.86 7.33
N MET C 93 -5.51 9.56 7.47
CA MET C 93 -5.41 11.00 7.61
C MET C 93 -4.86 11.31 8.97
N VAL C 94 -5.45 10.69 9.99
CA VAL C 94 -4.96 10.82 11.37
C VAL C 94 -3.48 10.57 11.33
N HIS C 95 -3.10 9.51 10.62
CA HIS C 95 -1.69 9.17 10.55
C HIS C 95 -0.84 10.19 9.77
N ALA C 96 -1.33 10.67 8.66
CA ALA C 96 -0.68 11.81 7.97
C ALA C 96 -0.50 13.07 8.86
N GLN C 97 -1.55 13.46 9.57
CA GLN C 97 -1.46 14.63 10.42
C GLN C 97 -0.45 14.38 11.53
N ASP C 98 -0.49 13.22 12.14
CA ASP C 98 0.53 12.93 13.13
C ASP C 98 1.95 13.03 12.55
N HIS C 99 2.15 12.56 11.32
CA HIS C 99 3.49 12.71 10.71
C HIS C 99 3.90 14.15 10.53
N LEU C 100 3.02 14.94 9.95
CA LEU C 100 3.35 16.34 9.79
C LEU C 100 3.69 16.98 11.14
N MET C 101 2.81 16.80 12.11
CA MET C 101 2.86 17.61 13.33
C MET C 101 4.02 17.16 14.24
N THR C 102 4.24 15.86 14.25
CA THR C 102 5.37 15.20 14.89
C THR C 102 6.67 15.56 14.16
N THR C 103 6.65 15.51 12.82
CA THR C 103 7.86 15.93 12.09
C THR C 103 8.23 17.41 12.32
N MET C 104 7.22 18.26 12.16
CA MET C 104 7.37 19.69 12.53
C MET C 104 7.99 19.82 13.89
N THR C 105 7.38 19.18 14.90
CA THR C 105 7.96 19.35 16.23
C THR C 105 9.37 18.81 16.42
N LEU C 106 9.70 17.71 15.73
CA LEU C 106 11.10 17.20 15.73
C LEU C 106 12.05 18.21 15.14
N ARG C 107 11.56 18.96 14.15
CA ARG C 107 12.37 19.96 13.52
C ARG C 107 12.63 21.14 14.47
N GLU C 108 11.60 21.54 15.21
CA GLU C 108 11.69 22.60 16.21
C GLU C 108 12.75 22.19 17.25
N VAL C 109 12.64 20.97 17.75
CA VAL C 109 13.70 20.42 18.62
C VAL C 109 15.07 20.51 17.92
N ALA C 110 15.12 20.14 16.65
CA ALA C 110 16.42 20.10 16.00
C ALA C 110 17.05 21.47 15.86
N ILE C 111 16.26 22.52 15.55
CA ILE C 111 16.73 23.92 15.59
C ILE C 111 17.31 24.29 16.96
N GLU C 112 16.61 23.96 18.03
CA GLU C 112 17.05 24.32 19.36
C GLU C 112 18.33 23.58 19.74
N MET C 113 18.45 22.34 19.29
CA MET C 113 19.56 21.51 19.71
C MET C 113 20.80 21.90 18.94
N LEU C 114 20.60 22.42 17.74
CA LEU C 114 21.71 22.86 16.94
C LEU C 114 22.35 24.10 17.59
N GLU C 115 21.53 24.98 18.20
CA GLU C 115 22.08 26.04 19.03
C GLU C 115 22.91 25.44 20.14
N LEU C 116 22.29 24.60 20.98
CA LEU C 116 23.03 23.94 22.08
C LEU C 116 24.37 23.41 21.58
N TYR C 117 24.37 22.49 20.62
CA TYR C 117 25.61 22.00 19.98
C TYR C 117 26.64 23.11 19.78
N LYS C 118 26.19 24.25 19.26
CA LYS C 118 27.07 25.42 19.02
C LYS C 118 27.44 26.13 20.32
N LYS C 119 28.03 25.38 21.25
CA LYS C 119 28.42 25.89 22.58
C LYS C 119 29.28 24.82 23.26
N MET D 18 12.03 15.99 -11.11
CA MET D 18 10.73 15.54 -10.47
C MET D 18 11.03 14.52 -9.39
N ASN D 19 10.59 14.82 -8.16
CA ASN D 19 11.02 13.94 -7.06
C ASN D 19 10.15 12.73 -6.81
N THR D 20 10.77 11.72 -6.24
CA THR D 20 10.12 10.46 -6.00
C THR D 20 8.76 10.57 -5.31
N GLU D 21 8.67 11.46 -4.33
CA GLU D 21 7.49 11.55 -3.48
C GLU D 21 6.30 11.98 -4.32
N GLU D 22 6.47 13.04 -5.12
CA GLU D 22 5.41 13.49 -6.00
C GLU D 22 5.13 12.52 -7.16
N LEU D 23 6.13 11.76 -7.57
CA LEU D 23 5.87 10.66 -8.49
C LEU D 23 4.97 9.61 -7.87
N GLN D 24 5.17 9.26 -6.61
CA GLN D 24 4.32 8.24 -6.05
C GLN D 24 2.90 8.77 -5.93
N VAL D 25 2.78 10.05 -5.60
CA VAL D 25 1.49 10.69 -5.38
C VAL D 25 0.69 10.69 -6.67
N ALA D 26 1.31 11.16 -7.75
CA ALA D 26 0.74 11.12 -9.11
C ALA D 26 0.17 9.72 -9.49
N ALA D 27 1.02 8.70 -9.34
CA ALA D 27 0.60 7.33 -9.48
C ALA D 27 -0.69 7.04 -8.68
N PHE D 28 -0.67 7.28 -7.38
CA PHE D 28 -1.84 6.97 -6.56
C PHE D 28 -3.05 7.83 -6.87
N GLU D 29 -2.83 9.06 -7.27
CA GLU D 29 -3.91 9.89 -7.78
C GLU D 29 -4.55 9.24 -9.01
N ILE D 30 -3.74 8.59 -9.84
CA ILE D 30 -4.22 8.02 -11.10
C ILE D 30 -4.92 6.72 -10.80
N ILE D 31 -4.27 5.84 -10.03
CA ILE D 31 -4.83 4.54 -9.64
C ILE D 31 -6.13 4.73 -8.86
N LEU D 32 -6.08 5.53 -7.80
CA LEU D 32 -7.27 5.83 -7.00
C LEU D 32 -8.46 6.30 -7.79
N ASN D 33 -8.28 7.35 -8.58
CA ASN D 33 -9.41 7.78 -9.38
C ASN D 33 -9.83 6.76 -10.45
N SER D 34 -8.88 6.11 -11.09
CA SER D 34 -9.25 5.17 -12.13
C SER D 34 -10.06 4.05 -11.51
N GLY D 35 -9.57 3.52 -10.39
CA GLY D 35 -10.28 2.43 -9.70
C GLY D 35 -11.74 2.79 -9.42
N ASN D 36 -11.96 4.00 -8.92
CA ASN D 36 -13.32 4.43 -8.67
C ASN D 36 -14.09 4.43 -9.99
N ALA D 37 -13.47 5.04 -11.00
CA ALA D 37 -14.08 5.12 -12.33
C ALA D 37 -14.39 3.73 -12.87
N ARG D 38 -13.47 2.80 -12.73
CA ARG D 38 -13.72 1.46 -13.23
C ARG D 38 -14.92 0.85 -12.56
N SER D 39 -15.12 1.12 -11.26
CA SER D 39 -16.24 0.45 -10.55
C SER D 39 -17.53 1.18 -10.81
N ILE D 40 -17.42 2.47 -11.10
CA ILE D 40 -18.62 3.21 -11.54
C ILE D 40 -19.03 2.64 -12.91
N VAL D 41 -18.07 2.36 -13.79
CA VAL D 41 -18.41 1.83 -15.10
C VAL D 41 -19.07 0.47 -14.89
N HIS D 42 -18.64 -0.27 -13.86
CA HIS D 42 -19.17 -1.60 -13.67
C HIS D 42 -20.58 -1.49 -13.14
N GLU D 43 -20.81 -0.46 -12.33
CA GLU D 43 -22.18 -0.02 -12.01
C GLU D 43 -22.96 0.22 -13.32
N ALA D 44 -22.32 0.82 -14.31
CA ALA D 44 -23.10 1.11 -15.51
C ALA D 44 -23.50 -0.21 -16.20
N PHE D 45 -22.56 -1.14 -16.40
CA PHE D 45 -22.91 -2.46 -16.87
C PHE D 45 -24.01 -3.13 -16.01
N ASP D 46 -24.04 -2.86 -14.70
CA ASP D 46 -25.01 -3.54 -13.85
C ASP D 46 -26.40 -3.04 -14.17
N ALA D 47 -26.48 -1.72 -14.33
CA ALA D 47 -27.70 -1.06 -14.69
C ALA D 47 -28.18 -1.48 -16.07
N MET D 48 -27.28 -1.65 -17.05
CA MET D 48 -27.76 -2.16 -18.33
C MET D 48 -28.25 -3.58 -18.27
N ARG D 49 -27.66 -4.45 -17.43
CA ARG D 49 -28.21 -5.80 -17.27
C ARG D 49 -29.66 -5.77 -16.72
N GLU D 50 -29.94 -4.76 -15.88
CA GLU D 50 -31.26 -4.55 -15.27
C GLU D 50 -32.22 -3.79 -16.19
N LYS D 51 -31.72 -3.38 -17.36
CA LYS D 51 -32.53 -2.59 -18.31
C LYS D 51 -32.75 -1.16 -17.86
N ASN D 52 -32.15 -0.76 -16.76
CA ASN D 52 -32.24 0.63 -16.34
C ASN D 52 -31.27 1.52 -17.13
N TYR D 53 -31.61 1.84 -18.37
CA TYR D 53 -30.64 2.51 -19.23
C TYR D 53 -30.30 3.85 -18.76
N ILE D 54 -31.27 4.51 -18.16
CA ILE D 54 -31.07 5.87 -17.64
C ILE D 54 -29.95 5.88 -16.58
N LEU D 55 -30.04 4.99 -15.61
CA LEU D 55 -28.99 4.93 -14.61
C LEU D 55 -27.63 4.57 -15.22
N ALA D 56 -27.63 3.61 -16.15
CA ALA D 56 -26.43 3.19 -16.89
C ALA D 56 -25.72 4.38 -17.52
N GLU D 57 -26.49 5.16 -18.28
CA GLU D 57 -26.07 6.45 -18.79
C GLU D 57 -25.52 7.35 -17.71
N GLN D 58 -26.26 7.47 -16.61
CA GLN D 58 -25.83 8.39 -15.56
C GLN D 58 -24.48 7.99 -15.01
N LYS D 59 -24.32 6.70 -14.77
CA LYS D 59 -23.04 6.11 -14.38
C LYS D 59 -21.88 6.31 -15.35
N LEU D 60 -22.11 6.09 -16.64
CA LEU D 60 -21.09 6.43 -17.63
C LEU D 60 -20.59 7.86 -17.49
N GLN D 61 -21.44 8.77 -17.03
CA GLN D 61 -21.01 10.14 -16.89
C GLN D 61 -20.25 10.36 -15.58
N GLU D 62 -20.88 9.96 -14.46
CA GLU D 62 -20.20 9.89 -13.19
C GLU D 62 -18.79 9.30 -13.45
N ALA D 63 -18.70 8.11 -14.07
CA ALA D 63 -17.38 7.50 -14.31
C ALA D 63 -16.42 8.41 -15.08
N ASN D 64 -16.90 9.00 -16.16
CA ASN D 64 -16.10 9.93 -16.91
C ASN D 64 -15.57 11.04 -16.04
N ASP D 65 -16.44 11.67 -15.26
CA ASP D 65 -16.06 12.72 -14.31
C ASP D 65 -14.84 12.35 -13.51
N GLU D 66 -14.79 11.10 -13.02
CA GLU D 66 -13.67 10.65 -12.17
C GLU D 66 -12.43 10.29 -12.98
N LEU D 67 -12.65 9.61 -14.09
CA LEU D 67 -11.56 9.16 -14.96
C LEU D 67 -10.72 10.36 -15.37
N LEU D 68 -11.40 11.51 -15.41
CA LEU D 68 -10.85 12.77 -15.80
C LEU D 68 -9.82 13.28 -14.80
N LYS D 69 -10.07 13.02 -13.51
CA LYS D 69 -9.09 13.36 -12.51
C LYS D 69 -7.81 12.57 -12.83
N ALA D 70 -7.94 11.27 -13.07
CA ALA D 70 -6.82 10.43 -13.44
C ALA D 70 -6.10 10.88 -14.72
N HIS D 71 -6.86 11.13 -15.78
CA HIS D 71 -6.27 11.58 -17.04
C HIS D 71 -5.40 12.85 -16.90
N GLN D 72 -5.93 13.85 -16.23
CA GLN D 72 -5.26 15.12 -16.09
C GLN D 72 -3.93 14.95 -15.39
N ALA D 73 -3.89 14.09 -14.37
CA ALA D 73 -2.63 13.84 -13.69
C ALA D 73 -1.62 13.17 -14.67
N GLN D 74 -2.14 12.26 -15.53
CA GLN D 74 -1.30 11.59 -16.51
C GLN D 74 -0.84 12.63 -17.51
N THR D 75 -1.75 13.51 -17.89
CA THR D 75 -1.40 14.55 -18.83
C THR D 75 -0.32 15.53 -18.27
N ASP D 76 -0.47 15.99 -17.02
CA ASP D 76 0.60 16.78 -16.37
C ASP D 76 1.96 16.07 -16.47
N LEU D 77 1.98 14.77 -16.17
CA LEU D 77 3.21 13.98 -16.22
C LEU D 77 3.84 13.94 -17.62
N LEU D 78 3.01 13.64 -18.61
CA LEU D 78 3.43 13.67 -19.98
C LEU D 78 3.95 15.06 -20.36
N GLN D 79 3.21 16.10 -19.99
CA GLN D 79 3.61 17.47 -20.32
C GLN D 79 4.86 17.89 -19.60
N GLU D 80 5.02 17.42 -18.37
CA GLU D 80 6.19 17.76 -17.59
C GLU D 80 7.40 17.12 -18.27
N TYR D 81 7.31 15.86 -18.64
CA TYR D 81 8.41 15.16 -19.29
C TYR D 81 8.82 15.75 -20.65
N ALA D 82 7.84 16.25 -21.40
CA ALA D 82 8.13 16.91 -22.65
C ALA D 82 8.86 18.25 -22.43
N SER D 83 8.62 18.88 -21.29
CA SER D 83 9.33 20.11 -20.92
C SER D 83 10.77 19.82 -20.47
N GLY D 84 11.19 18.56 -20.61
CA GLY D 84 12.57 18.19 -20.31
C GLY D 84 12.85 17.68 -18.90
N THR D 85 11.91 17.72 -17.97
CA THR D 85 12.21 17.23 -16.63
C THR D 85 12.21 15.72 -16.58
N GLU D 86 13.12 15.15 -15.79
CA GLU D 86 13.23 13.67 -15.76
C GLU D 86 12.28 12.99 -14.78
N ILE D 87 11.78 11.85 -15.26
CA ILE D 87 10.82 11.04 -14.56
C ILE D 87 11.26 9.60 -14.69
N LYS D 88 11.85 9.10 -13.61
CA LYS D 88 12.21 7.70 -13.55
C LYS D 88 10.96 6.83 -13.38
N ILE D 89 10.77 5.92 -14.33
CA ILE D 89 9.59 5.12 -14.28
C ILE D 89 9.74 4.01 -13.27
N GLU D 90 8.79 3.97 -12.35
CA GLU D 90 8.66 2.91 -11.40
C GLU D 90 7.48 2.08 -11.86
N ILE D 91 7.52 0.81 -11.47
CA ILE D 91 6.45 -0.13 -11.79
C ILE D 91 5.09 0.34 -11.33
N ILE D 92 5.04 1.08 -10.21
CA ILE D 92 3.80 1.61 -9.67
C ILE D 92 3.18 2.62 -10.67
N MET D 93 4.01 3.47 -11.28
CA MET D 93 3.52 4.34 -12.37
C MET D 93 3.03 3.52 -13.63
N VAL D 94 3.82 2.54 -14.09
CA VAL D 94 3.36 1.61 -15.15
C VAL D 94 1.98 1.02 -14.83
N HIS D 95 1.81 0.50 -13.63
CA HIS D 95 0.49 0.05 -13.12
C HIS D 95 -0.63 1.11 -13.14
N ALA D 96 -0.31 2.30 -12.66
CA ALA D 96 -1.23 3.42 -12.73
C ALA D 96 -1.66 3.66 -14.18
N GLN D 97 -0.70 3.78 -15.07
CA GLN D 97 -1.00 4.10 -16.44
C GLN D 97 -1.77 2.98 -17.08
N ASP D 98 -1.46 1.74 -16.71
CA ASP D 98 -2.26 0.64 -17.24
C ASP D 98 -3.70 0.74 -16.70
N HIS D 99 -3.86 1.22 -15.47
CA HIS D 99 -5.19 1.36 -14.85
C HIS D 99 -6.08 2.38 -15.49
N LEU D 100 -5.51 3.53 -15.77
CA LEU D 100 -6.25 4.61 -16.38
C LEU D 100 -6.60 4.23 -17.80
N MET D 101 -5.67 3.64 -18.59
CA MET D 101 -5.93 3.48 -20.03
C MET D 101 -6.85 2.32 -20.33
N THR D 102 -6.72 1.23 -19.57
CA THR D 102 -7.68 0.13 -19.70
C THR D 102 -9.08 0.59 -19.13
N THR D 103 -9.08 1.34 -18.05
CA THR D 103 -10.38 1.89 -17.63
C THR D 103 -10.99 2.81 -18.69
N MET D 104 -10.24 3.72 -19.28
CA MET D 104 -10.78 4.51 -20.42
C MET D 104 -11.35 3.63 -21.50
N THR D 105 -10.62 2.56 -21.81
CA THR D 105 -11.08 1.57 -22.84
C THR D 105 -12.36 0.89 -22.43
N LEU D 106 -12.39 0.46 -21.16
CA LEU D 106 -13.56 -0.23 -20.63
C LEU D 106 -14.71 0.73 -20.75
N ARG D 107 -14.46 2.00 -20.44
CA ARG D 107 -15.58 2.97 -20.50
C ARG D 107 -16.08 3.16 -21.93
N GLU D 108 -15.17 3.20 -22.88
CA GLU D 108 -15.51 3.38 -24.29
C GLU D 108 -16.37 2.25 -24.71
N VAL D 109 -16.00 1.03 -24.33
CA VAL D 109 -16.85 -0.04 -24.80
C VAL D 109 -18.14 -0.03 -24.00
N ALA D 110 -18.10 0.32 -22.72
CA ALA D 110 -19.38 0.44 -22.01
C ALA D 110 -20.35 1.32 -22.80
N ILE D 111 -19.88 2.49 -23.27
CA ILE D 111 -20.71 3.39 -24.03
C ILE D 111 -21.32 2.70 -25.25
N GLU D 112 -20.48 2.04 -26.05
CA GLU D 112 -21.01 1.39 -27.25
C GLU D 112 -22.02 0.35 -26.88
N MET D 113 -21.78 -0.35 -25.80
CA MET D 113 -22.66 -1.44 -25.45
C MET D 113 -24.01 -0.95 -25.02
N LEU D 114 -24.04 0.18 -24.31
CA LEU D 114 -25.28 0.85 -23.94
C LEU D 114 -26.15 1.09 -25.20
N GLU D 115 -25.52 1.63 -26.21
CA GLU D 115 -26.17 1.85 -27.46
C GLU D 115 -26.78 0.55 -28.00
N LEU D 116 -25.97 -0.52 -28.03
CA LEU D 116 -26.44 -1.82 -28.51
C LEU D 116 -27.59 -2.32 -27.65
N TYR D 117 -27.50 -2.12 -26.33
CA TYR D 117 -28.52 -2.53 -25.37
C TYR D 117 -29.91 -1.93 -25.59
N LYS D 118 -29.96 -0.84 -26.35
CA LYS D 118 -31.18 -0.04 -26.39
C LYS D 118 -32.16 -0.59 -27.42
N LYS D 119 -31.87 -1.79 -27.91
CA LYS D 119 -32.72 -2.51 -28.88
C LYS D 119 -33.45 -3.78 -28.32
N MET E 18 21.87 2.77 -28.49
CA MET E 18 20.52 3.27 -28.87
C MET E 18 19.71 3.40 -27.57
N ASN E 19 19.12 4.58 -27.28
CA ASN E 19 19.17 5.81 -28.10
C ASN E 19 18.83 7.13 -27.39
N THR E 20 17.55 7.32 -27.04
CA THR E 20 17.00 8.57 -26.50
C THR E 20 16.74 9.61 -27.56
N GLU E 21 16.27 9.18 -28.70
CA GLU E 21 15.78 10.07 -29.68
C GLU E 21 15.06 9.08 -30.55
N GLU E 22 15.74 7.98 -30.84
CA GLU E 22 15.15 6.87 -31.54
C GLU E 22 13.96 6.33 -30.72
N LEU E 23 14.16 6.18 -29.41
CA LEU E 23 13.14 5.74 -28.49
C LEU E 23 12.02 6.77 -28.37
N GLN E 24 12.34 8.04 -28.40
CA GLN E 24 11.25 9.00 -28.50
C GLN E 24 10.48 8.78 -29.79
N VAL E 25 11.22 8.62 -30.89
CA VAL E 25 10.62 8.54 -32.21
C VAL E 25 9.72 7.31 -32.36
N ALA E 26 10.23 6.15 -31.93
CA ALA E 26 9.43 4.92 -31.91
C ALA E 26 8.17 5.13 -31.06
N ALA E 27 8.32 5.80 -29.94
CA ALA E 27 7.19 6.08 -29.11
C ALA E 27 6.14 6.82 -29.92
N PHE E 28 6.48 7.96 -30.53
CA PHE E 28 5.54 8.77 -31.36
C PHE E 28 4.99 8.02 -32.55
N GLU E 29 5.80 7.15 -33.13
CA GLU E 29 5.30 6.36 -34.21
C GLU E 29 4.14 5.49 -33.71
N ILE E 30 4.41 4.70 -32.67
CA ILE E 30 3.37 3.88 -32.04
C ILE E 30 2.16 4.76 -31.74
N ILE E 31 2.34 5.83 -31.00
CA ILE E 31 1.23 6.69 -30.62
C ILE E 31 0.44 7.17 -31.78
N LEU E 32 1.13 7.70 -32.78
CA LEU E 32 0.40 8.27 -33.92
C LEU E 32 -0.44 7.24 -34.65
N ASN E 33 0.19 6.18 -35.12
CA ASN E 33 -0.51 5.08 -35.80
C ASN E 33 -1.62 4.45 -34.96
N SER E 34 -1.32 4.32 -33.67
CA SER E 34 -2.23 3.69 -32.78
C SER E 34 -3.44 4.62 -32.51
N GLY E 35 -3.19 5.92 -32.35
CA GLY E 35 -4.25 6.92 -32.19
C GLY E 35 -5.16 7.07 -33.40
N ASN E 36 -4.58 6.93 -34.58
CA ASN E 36 -5.38 7.02 -35.78
C ASN E 36 -6.21 5.74 -35.89
N ALA E 37 -5.58 4.60 -35.64
CA ALA E 37 -6.31 3.36 -35.59
C ALA E 37 -7.54 3.46 -34.64
N ARG E 38 -7.35 4.05 -33.45
CA ARG E 38 -8.42 4.06 -32.48
C ARG E 38 -9.56 4.83 -33.07
N SER E 39 -9.28 5.95 -33.71
CA SER E 39 -10.35 6.70 -34.44
C SER E 39 -11.06 5.88 -35.49
N ILE E 40 -10.28 5.10 -36.24
CA ILE E 40 -10.90 4.33 -37.30
C ILE E 40 -11.80 3.31 -36.65
N VAL E 41 -11.34 2.69 -35.53
CA VAL E 41 -12.21 1.79 -34.76
C VAL E 41 -13.47 2.54 -34.33
N HIS E 42 -13.34 3.78 -33.88
CA HIS E 42 -14.55 4.49 -33.46
C HIS E 42 -15.49 4.73 -34.68
N GLU E 43 -14.90 5.03 -35.82
CA GLU E 43 -15.68 5.03 -37.07
C GLU E 43 -16.44 3.71 -37.30
N ALA E 44 -15.80 2.57 -37.06
CA ALA E 44 -16.53 1.35 -37.23
C ALA E 44 -17.72 1.34 -36.32
N PHE E 45 -17.53 1.81 -35.07
CA PHE E 45 -18.58 1.74 -34.07
C PHE E 45 -19.68 2.66 -34.54
N ASP E 46 -19.31 3.85 -34.98
CA ASP E 46 -20.29 4.80 -35.52
C ASP E 46 -21.12 4.13 -36.62
N ALA E 47 -20.49 3.33 -37.47
CA ALA E 47 -21.22 2.60 -38.52
C ALA E 47 -22.16 1.51 -38.00
N MET E 48 -21.73 0.68 -37.05
CA MET E 48 -22.63 -0.33 -36.42
C MET E 48 -23.89 0.31 -35.87
N ARG E 49 -23.73 1.38 -35.08
CA ARG E 49 -24.89 2.16 -34.63
C ARG E 49 -25.85 2.52 -35.77
N GLU E 50 -25.34 2.67 -36.98
CA GLU E 50 -26.20 3.06 -38.12
C GLU E 50 -26.54 1.88 -39.05
N LYS E 51 -26.19 0.67 -38.63
CA LYS E 51 -26.51 -0.52 -39.40
C LYS E 51 -25.74 -0.57 -40.74
N ASN E 52 -24.68 0.21 -40.85
CA ASN E 52 -23.76 0.18 -41.98
C ASN E 52 -22.67 -0.86 -41.71
N TYR E 53 -23.07 -2.13 -41.64
CA TYR E 53 -22.20 -3.21 -41.16
C TYR E 53 -21.07 -3.48 -42.14
N ILE E 54 -21.36 -3.10 -43.36
CA ILE E 54 -20.43 -3.06 -44.43
C ILE E 54 -19.34 -2.09 -44.16
N LEU E 55 -19.73 -0.83 -43.98
CA LEU E 55 -18.77 0.22 -43.59
C LEU E 55 -17.93 -0.20 -42.36
N ALA E 56 -18.59 -0.74 -41.33
CA ALA E 56 -17.87 -1.19 -40.12
C ALA E 56 -16.78 -2.25 -40.40
N GLU E 57 -17.11 -3.29 -41.17
CA GLU E 57 -16.12 -4.31 -41.59
C GLU E 57 -14.84 -3.72 -42.20
N GLN E 58 -14.97 -2.73 -43.07
CA GLN E 58 -13.75 -2.25 -43.69
C GLN E 58 -13.02 -1.29 -42.80
N LYS E 59 -13.80 -0.51 -42.06
CA LYS E 59 -13.24 0.32 -40.99
C LYS E 59 -12.41 -0.55 -40.07
N LEU E 60 -12.96 -1.68 -39.64
CA LEU E 60 -12.21 -2.60 -38.81
C LEU E 60 -10.91 -3.16 -39.43
N GLN E 61 -10.87 -3.24 -40.76
CA GLN E 61 -9.66 -3.70 -41.46
C GLN E 61 -8.74 -2.49 -41.67
N GLU E 62 -9.31 -1.35 -42.09
CA GLU E 62 -8.48 -0.13 -42.20
C GLU E 62 -7.77 0.10 -40.86
N ALA E 63 -8.48 -0.08 -39.75
CA ALA E 63 -7.90 0.10 -38.42
C ALA E 63 -6.77 -0.87 -38.18
N ASN E 64 -6.97 -2.11 -38.61
CA ASN E 64 -5.95 -3.11 -38.46
C ASN E 64 -4.73 -2.82 -39.31
N ASP E 65 -4.90 -2.06 -40.39
CA ASP E 65 -3.76 -1.69 -41.22
C ASP E 65 -2.88 -0.70 -40.50
N GLU E 66 -3.52 0.30 -39.89
CA GLU E 66 -2.75 1.33 -39.19
C GLU E 66 -2.09 0.74 -37.94
N LEU E 67 -2.88 0.01 -37.17
CA LEU E 67 -2.44 -0.75 -35.99
C LEU E 67 -1.20 -1.57 -36.25
N LEU E 68 -1.15 -2.20 -37.41
CA LEU E 68 0.00 -3.04 -37.70
C LEU E 68 1.32 -2.26 -37.60
N LYS E 69 1.31 -0.98 -37.97
CA LYS E 69 2.51 -0.12 -37.99
C LYS E 69 3.07 0.16 -36.61
N ALA E 70 2.16 0.50 -35.67
CA ALA E 70 2.52 0.68 -34.29
C ALA E 70 3.00 -0.66 -33.74
N HIS E 71 2.30 -1.71 -34.13
CA HIS E 71 2.72 -3.02 -33.70
C HIS E 71 4.08 -3.47 -34.20
N GLN E 72 4.39 -3.22 -35.47
CA GLN E 72 5.71 -3.53 -35.97
C GLN E 72 6.67 -2.66 -35.18
N ALA E 73 6.35 -1.38 -35.00
CA ALA E 73 7.28 -0.55 -34.26
C ALA E 73 7.44 -1.00 -32.80
N GLN E 74 6.41 -1.61 -32.20
CA GLN E 74 6.54 -2.09 -30.81
C GLN E 74 7.36 -3.37 -30.85
N THR E 75 7.06 -4.22 -31.84
CA THR E 75 7.85 -5.45 -32.08
C THR E 75 9.39 -5.20 -32.34
N ASP E 76 9.79 -4.16 -33.07
CA ASP E 76 11.25 -3.96 -33.20
C ASP E 76 11.94 -3.60 -31.92
N LEU E 77 11.33 -2.67 -31.17
CA LEU E 77 11.76 -2.39 -29.82
C LEU E 77 11.89 -3.67 -29.01
N LEU E 78 10.90 -4.55 -29.15
CA LEU E 78 10.81 -5.73 -28.32
C LEU E 78 11.93 -6.72 -28.65
N GLN E 79 12.30 -6.79 -29.93
CA GLN E 79 13.38 -7.69 -30.34
C GLN E 79 14.77 -7.05 -30.30
N GLU E 80 14.84 -5.72 -30.26
CA GLU E 80 16.10 -5.02 -30.00
C GLU E 80 16.55 -5.34 -28.58
N TYR E 81 15.62 -5.20 -27.65
CA TYR E 81 15.86 -5.43 -26.25
C TYR E 81 16.18 -6.88 -26.03
N ALA E 82 15.47 -7.73 -26.77
CA ALA E 82 15.72 -9.15 -26.74
C ALA E 82 17.13 -9.46 -27.28
N SER E 83 17.53 -8.77 -28.35
CA SER E 83 18.85 -9.02 -28.95
C SER E 83 19.94 -8.60 -27.96
N GLY E 84 19.59 -7.78 -26.98
CA GLY E 84 20.43 -7.69 -25.80
C GLY E 84 20.82 -6.32 -25.27
N THR E 85 20.57 -5.27 -26.04
CA THR E 85 20.96 -3.95 -25.60
C THR E 85 20.12 -2.96 -26.40
N GLU E 86 19.47 -1.97 -25.76
CA GLU E 86 19.32 -1.67 -24.31
C GLU E 86 18.42 -0.43 -24.22
N ILE E 87 17.38 -0.52 -23.39
CA ILE E 87 16.22 0.37 -23.50
C ILE E 87 15.71 1.00 -22.20
N LYS E 88 15.92 2.31 -22.10
CA LYS E 88 15.54 3.04 -20.91
C LYS E 88 14.15 3.56 -21.17
N ILE E 89 13.24 3.22 -20.29
CA ILE E 89 11.86 3.27 -20.63
C ILE E 89 11.35 4.67 -21.00
N GLU E 90 11.12 5.51 -20.01
CA GLU E 90 10.54 6.81 -20.31
C GLU E 90 9.02 6.71 -20.50
N ILE E 91 8.33 7.67 -19.92
CA ILE E 91 6.92 7.59 -19.75
C ILE E 91 6.14 7.63 -21.06
N ILE E 92 6.61 8.40 -22.06
CA ILE E 92 5.99 8.38 -23.39
C ILE E 92 5.98 7.01 -23.96
N MET E 93 7.04 6.24 -23.69
CA MET E 93 7.06 4.85 -24.11
C MET E 93 5.91 4.05 -23.46
N VAL E 94 5.81 4.12 -22.13
CA VAL E 94 4.74 3.42 -21.37
C VAL E 94 3.39 3.89 -21.91
N HIS E 95 3.30 5.18 -22.13
CA HIS E 95 2.08 5.76 -22.66
C HIS E 95 1.73 5.23 -24.03
N ALA E 96 2.75 5.14 -24.87
CA ALA E 96 2.63 4.66 -26.25
C ALA E 96 2.20 3.18 -26.29
N GLN E 97 2.96 2.37 -25.57
CA GLN E 97 2.56 0.98 -25.33
C GLN E 97 1.15 0.91 -24.80
N ASP E 98 0.80 1.73 -23.82
CA ASP E 98 -0.63 1.73 -23.42
C ASP E 98 -1.59 1.91 -24.64
N HIS E 99 -1.30 2.91 -25.47
CA HIS E 99 -2.09 3.21 -26.67
C HIS E 99 -2.25 2.06 -27.62
N LEU E 100 -1.12 1.45 -27.98
CA LEU E 100 -1.19 0.32 -28.91
C LEU E 100 -2.04 -0.76 -28.27
N MET E 101 -1.66 -1.16 -27.06
CA MET E 101 -2.28 -2.37 -26.52
C MET E 101 -3.74 -2.19 -26.17
N THR E 102 -4.16 -1.01 -25.70
CA THR E 102 -5.60 -0.79 -25.41
C THR E 102 -6.43 -0.60 -26.69
N THR E 103 -5.79 -0.06 -27.72
CA THR E 103 -6.49 0.12 -28.99
C THR E 103 -6.72 -1.18 -29.68
N MET E 104 -5.71 -2.03 -29.67
CA MET E 104 -5.85 -3.38 -30.18
C MET E 104 -7.00 -4.03 -29.49
N THR E 105 -7.02 -3.93 -28.16
CA THR E 105 -8.13 -4.45 -27.35
C THR E 105 -9.49 -3.89 -27.74
N LEU E 106 -9.58 -2.57 -27.88
CA LEU E 106 -10.83 -1.93 -28.32
C LEU E 106 -11.25 -2.47 -29.66
N ARG E 107 -10.27 -2.68 -30.54
CA ARG E 107 -10.53 -3.27 -31.85
C ARG E 107 -10.96 -4.75 -31.75
N GLU E 108 -10.40 -5.46 -30.79
CA GLU E 108 -10.87 -6.81 -30.51
C GLU E 108 -12.34 -6.84 -30.13
N VAL E 109 -12.70 -5.89 -29.31
CA VAL E 109 -14.03 -5.76 -28.85
C VAL E 109 -14.90 -5.39 -30.06
N ALA E 110 -14.46 -4.44 -30.86
CA ALA E 110 -15.34 -3.94 -31.90
C ALA E 110 -15.72 -5.07 -32.85
N ILE E 111 -14.76 -5.90 -33.24
CA ILE E 111 -15.09 -6.99 -34.15
C ILE E 111 -16.10 -7.90 -33.46
N GLU E 112 -15.88 -8.27 -32.20
CA GLU E 112 -16.94 -8.97 -31.47
C GLU E 112 -18.27 -8.23 -31.45
N MET E 113 -18.24 -6.93 -31.21
CA MET E 113 -19.52 -6.22 -31.14
C MET E 113 -20.28 -6.16 -32.47
N LEU E 114 -19.53 -6.28 -33.57
CA LEU E 114 -20.07 -6.18 -34.90
C LEU E 114 -20.85 -7.44 -35.22
N GLU E 115 -20.33 -8.57 -34.77
CA GLU E 115 -21.03 -9.82 -34.89
C GLU E 115 -22.36 -9.79 -34.14
N LEU E 116 -22.31 -9.47 -32.87
CA LEU E 116 -23.50 -9.36 -32.06
C LEU E 116 -24.55 -8.46 -32.70
N TYR E 117 -24.13 -7.34 -33.24
CA TYR E 117 -25.02 -6.42 -33.94
C TYR E 117 -25.76 -7.15 -35.08
N LYS E 118 -25.00 -7.96 -35.85
CA LYS E 118 -25.57 -8.67 -37.04
C LYS E 118 -26.62 -9.77 -36.70
N LYS E 119 -26.88 -9.99 -35.40
CA LYS E 119 -27.76 -11.06 -34.96
C LYS E 119 -29.03 -10.43 -34.37
N MET F 18 15.91 -6.82 -6.57
CA MET F 18 15.60 -7.81 -7.63
C MET F 18 16.47 -7.57 -8.84
N ASN F 19 16.96 -8.66 -9.45
CA ASN F 19 17.80 -8.48 -10.63
C ASN F 19 17.22 -8.99 -11.90
N THR F 20 17.93 -8.67 -12.97
CA THR F 20 17.44 -8.81 -14.30
C THR F 20 16.74 -10.17 -14.53
N GLU F 21 17.28 -11.23 -13.94
CA GLU F 21 16.87 -12.61 -14.20
C GLU F 21 15.51 -12.97 -13.70
N GLU F 22 15.27 -12.73 -12.41
CA GLU F 22 13.99 -13.02 -11.82
C GLU F 22 12.93 -12.06 -12.37
N LEU F 23 13.40 -10.88 -12.76
CA LEU F 23 12.54 -9.89 -13.40
C LEU F 23 12.11 -10.33 -14.81
N GLN F 24 13.03 -10.90 -15.59
CA GLN F 24 12.64 -11.31 -16.92
C GLN F 24 11.70 -12.48 -16.86
N VAL F 25 11.87 -13.33 -15.84
CA VAL F 25 11.06 -14.56 -15.75
C VAL F 25 9.68 -14.17 -15.30
N ALA F 26 9.60 -13.29 -14.30
CA ALA F 26 8.31 -12.69 -13.91
C ALA F 26 7.56 -12.15 -15.15
N ALA F 27 8.25 -11.38 -15.99
CA ALA F 27 7.63 -10.84 -17.18
C ALA F 27 7.05 -11.92 -18.13
N PHE F 28 7.85 -12.93 -18.45
CA PHE F 28 7.45 -13.96 -19.39
C PHE F 28 6.41 -14.81 -18.78
N GLU F 29 6.54 -15.04 -17.49
CA GLU F 29 5.47 -15.71 -16.77
C GLU F 29 4.15 -14.97 -17.02
N ILE F 30 4.15 -13.65 -16.83
CA ILE F 30 2.95 -12.85 -17.02
C ILE F 30 2.54 -12.87 -18.49
N ILE F 31 3.46 -12.56 -19.39
CA ILE F 31 3.08 -12.62 -20.77
C ILE F 31 2.46 -13.97 -21.11
N LEU F 32 3.18 -15.08 -20.91
CA LEU F 32 2.65 -16.38 -21.30
C LEU F 32 1.26 -16.71 -20.76
N ASN F 33 1.05 -16.51 -19.46
CA ASN F 33 -0.22 -16.82 -18.85
C ASN F 33 -1.33 -15.88 -19.31
N SER F 34 -0.97 -14.64 -19.62
CA SER F 34 -1.91 -13.66 -20.11
C SER F 34 -2.28 -14.00 -21.53
N GLY F 35 -1.30 -14.34 -22.35
CA GLY F 35 -1.60 -14.78 -23.74
C GLY F 35 -2.64 -15.88 -23.73
N ASN F 36 -2.40 -16.88 -22.89
CA ASN F 36 -3.19 -18.07 -22.97
C ASN F 36 -4.63 -17.77 -22.54
N ALA F 37 -4.75 -17.05 -21.42
CA ALA F 37 -6.03 -16.56 -20.95
C ALA F 37 -6.75 -15.74 -22.00
N ARG F 38 -6.01 -14.97 -22.77
CA ARG F 38 -6.59 -14.16 -23.81
C ARG F 38 -7.14 -15.04 -24.89
N SER F 39 -6.38 -16.00 -25.39
CA SER F 39 -6.96 -16.96 -26.36
C SER F 39 -8.14 -17.71 -25.73
N ILE F 40 -8.09 -17.94 -24.44
CA ILE F 40 -9.22 -18.63 -23.92
C ILE F 40 -10.41 -17.70 -23.98
N VAL F 41 -10.21 -16.40 -23.66
CA VAL F 41 -11.32 -15.47 -23.67
C VAL F 41 -11.86 -15.43 -25.07
N HIS F 42 -10.95 -15.47 -26.03
CA HIS F 42 -11.40 -15.56 -27.40
C HIS F 42 -12.22 -16.84 -27.63
N GLU F 43 -11.83 -17.91 -26.96
CA GLU F 43 -12.69 -19.09 -27.08
C GLU F 43 -14.09 -18.82 -26.54
N ALA F 44 -14.17 -18.11 -25.44
CA ALA F 44 -15.46 -17.75 -24.94
C ALA F 44 -16.21 -16.90 -25.94
N PHE F 45 -15.54 -15.99 -26.66
CA PHE F 45 -16.23 -15.20 -27.68
C PHE F 45 -16.76 -16.10 -28.75
N ASP F 46 -15.93 -17.00 -29.24
CA ASP F 46 -16.35 -17.90 -30.34
C ASP F 46 -17.58 -18.74 -29.93
N ALA F 47 -17.58 -19.21 -28.68
CA ALA F 47 -18.70 -19.95 -28.13
C ALA F 47 -20.00 -19.14 -28.10
N MET F 48 -19.89 -17.85 -27.80
CA MET F 48 -21.05 -16.96 -27.81
C MET F 48 -21.65 -16.81 -29.19
N ARG F 49 -20.81 -16.63 -30.20
CA ARG F 49 -21.34 -16.38 -31.54
C ARG F 49 -22.19 -17.60 -31.92
N GLU F 50 -21.71 -18.78 -31.49
CA GLU F 50 -22.29 -20.08 -31.83
C GLU F 50 -23.52 -20.43 -30.98
N LYS F 51 -23.86 -19.55 -30.04
CA LYS F 51 -24.97 -19.73 -29.10
C LYS F 51 -24.70 -20.72 -27.91
N ASN F 52 -23.45 -21.14 -27.69
CA ASN F 52 -23.15 -22.02 -26.55
C ASN F 52 -22.86 -21.21 -25.30
N TYR F 53 -23.92 -20.71 -24.68
CA TYR F 53 -23.73 -19.75 -23.57
C TYR F 53 -23.18 -20.40 -22.30
N ILE F 54 -23.33 -21.74 -22.19
CA ILE F 54 -22.73 -22.45 -21.06
C ILE F 54 -21.22 -22.67 -21.28
N LEU F 55 -20.85 -23.06 -22.50
CA LEU F 55 -19.45 -23.14 -22.88
C LEU F 55 -18.75 -21.79 -22.62
N ALA F 56 -19.40 -20.71 -23.01
CA ALA F 56 -18.82 -19.39 -22.86
C ALA F 56 -18.63 -19.01 -21.39
N GLU F 57 -19.69 -19.18 -20.57
CA GLU F 57 -19.57 -19.05 -19.12
C GLU F 57 -18.32 -19.75 -18.63
N GLN F 58 -18.07 -20.90 -19.21
CA GLN F 58 -17.07 -21.77 -18.70
C GLN F 58 -15.67 -21.35 -19.11
N LYS F 59 -15.50 -21.12 -20.41
CA LYS F 59 -14.24 -20.65 -20.89
C LYS F 59 -13.85 -19.37 -20.15
N LEU F 60 -14.83 -18.53 -19.83
CA LEU F 60 -14.59 -17.31 -19.05
C LEU F 60 -14.10 -17.57 -17.65
N GLN F 61 -14.50 -18.71 -17.09
CA GLN F 61 -13.97 -19.20 -15.80
C GLN F 61 -12.57 -19.71 -15.94
N GLU F 62 -12.32 -20.57 -16.93
CA GLU F 62 -10.97 -21.05 -17.30
C GLU F 62 -10.00 -19.90 -17.45
N ALA F 63 -10.44 -18.89 -18.21
CA ALA F 63 -9.61 -17.74 -18.45
C ALA F 63 -9.39 -17.04 -17.15
N ASN F 64 -10.39 -17.00 -16.29
CA ASN F 64 -10.10 -16.40 -15.02
C ASN F 64 -8.96 -17.06 -14.24
N ASP F 65 -8.95 -18.40 -14.14
CA ASP F 65 -7.87 -19.00 -13.35
C ASP F 65 -6.47 -19.05 -13.99
N GLU F 66 -6.39 -18.92 -15.32
CA GLU F 66 -5.11 -18.65 -16.00
C GLU F 66 -4.64 -17.24 -15.70
N LEU F 67 -5.57 -16.28 -15.67
CA LEU F 67 -5.25 -14.86 -15.44
C LEU F 67 -4.79 -14.55 -14.02
N LEU F 68 -5.43 -15.18 -13.05
CA LEU F 68 -5.07 -15.01 -11.62
C LEU F 68 -3.62 -15.34 -11.42
N LYS F 69 -3.15 -16.24 -12.27
CA LYS F 69 -1.74 -16.57 -12.33
C LYS F 69 -0.97 -15.30 -12.66
N ALA F 70 -1.20 -14.76 -13.87
CA ALA F 70 -0.51 -13.57 -14.35
C ALA F 70 -0.66 -12.47 -13.35
N HIS F 71 -1.86 -12.37 -12.78
CA HIS F 71 -2.18 -11.37 -11.78
C HIS F 71 -1.33 -11.54 -10.52
N GLN F 72 -1.22 -12.78 -10.06
CA GLN F 72 -0.49 -13.04 -8.84
C GLN F 72 0.94 -12.59 -9.08
N ALA F 73 1.54 -12.99 -10.20
CA ALA F 73 2.87 -12.53 -10.52
C ALA F 73 2.99 -11.01 -10.44
N GLN F 74 2.01 -10.28 -10.98
CA GLN F 74 2.04 -8.80 -10.96
C GLN F 74 1.95 -8.29 -9.54
N THR F 75 1.01 -8.82 -8.78
CA THR F 75 0.90 -8.40 -7.38
C THR F 75 2.17 -8.66 -6.57
N ASP F 76 2.80 -9.83 -6.77
CA ASP F 76 4.09 -10.14 -6.08
C ASP F 76 5.08 -9.01 -6.31
N LEU F 77 5.18 -8.59 -7.57
CA LEU F 77 6.08 -7.50 -7.96
C LEU F 77 5.68 -6.17 -7.37
N LEU F 78 4.39 -5.81 -7.43
CA LEU F 78 3.99 -4.55 -6.77
C LEU F 78 4.22 -4.61 -5.25
N GLN F 79 4.02 -5.79 -4.65
CA GLN F 79 4.16 -5.93 -3.20
C GLN F 79 5.63 -5.74 -2.80
N GLU F 80 6.53 -6.27 -3.62
CA GLU F 80 7.95 -6.03 -3.48
C GLU F 80 8.34 -4.54 -3.57
N TYR F 81 7.88 -3.84 -4.62
CA TYR F 81 8.23 -2.44 -4.80
C TYR F 81 7.75 -1.62 -3.60
N ALA F 82 6.52 -1.90 -3.17
CA ALA F 82 5.91 -1.23 -2.01
C ALA F 82 6.73 -1.42 -0.73
N SER F 83 7.33 -2.59 -0.56
CA SER F 83 8.13 -2.86 0.63
C SER F 83 9.59 -2.46 0.46
N GLY F 84 9.88 -1.67 -0.57
CA GLY F 84 11.19 -1.01 -0.72
C GLY F 84 12.23 -1.55 -1.72
N THR F 85 12.02 -2.76 -2.24
CA THR F 85 12.94 -3.33 -3.23
C THR F 85 12.94 -2.50 -4.53
N GLU F 86 14.15 -2.28 -5.08
CA GLU F 86 14.30 -1.54 -6.33
C GLU F 86 13.98 -2.44 -7.51
N ILE F 87 13.09 -1.93 -8.39
CA ILE F 87 12.72 -2.60 -9.66
C ILE F 87 12.96 -1.75 -10.90
N LYS F 88 13.98 -2.15 -11.66
CA LYS F 88 14.35 -1.54 -12.94
C LYS F 88 13.32 -1.98 -13.98
N ILE F 89 12.50 -1.07 -14.52
CA ILE F 89 11.56 -1.57 -15.49
C ILE F 89 12.21 -1.66 -16.84
N GLU F 90 11.99 -2.80 -17.43
CA GLU F 90 12.48 -3.07 -18.74
C GLU F 90 11.23 -3.07 -19.59
N ILE F 91 11.42 -3.14 -20.88
CA ILE F 91 10.34 -2.93 -21.78
C ILE F 91 9.46 -4.15 -21.82
N ILE F 92 10.02 -5.38 -21.62
CA ILE F 92 9.12 -6.55 -21.57
C ILE F 92 8.22 -6.57 -20.36
N MET F 93 8.64 -5.93 -19.26
CA MET F 93 7.74 -5.80 -18.12
C MET F 93 6.57 -4.87 -18.46
N VAL F 94 6.88 -3.66 -18.95
CA VAL F 94 5.82 -2.79 -19.42
C VAL F 94 4.93 -3.65 -20.32
N HIS F 95 5.55 -4.48 -21.14
CA HIS F 95 4.80 -5.19 -22.15
C HIS F 95 3.92 -6.24 -21.50
N ALA F 96 4.51 -6.96 -20.57
CA ALA F 96 3.79 -7.97 -19.83
C ALA F 96 2.58 -7.37 -19.07
N GLN F 97 2.82 -6.25 -18.38
CA GLN F 97 1.76 -5.56 -17.68
C GLN F 97 0.65 -5.16 -18.65
N ASP F 98 1.03 -4.79 -19.86
CA ASP F 98 -0.03 -4.43 -20.80
C ASP F 98 -0.80 -5.68 -21.14
N HIS F 99 -0.09 -6.77 -21.34
CA HIS F 99 -0.78 -8.02 -21.62
C HIS F 99 -1.78 -8.39 -20.55
N LEU F 100 -1.37 -8.30 -19.28
CA LEU F 100 -2.26 -8.68 -18.18
C LEU F 100 -3.44 -7.73 -18.12
N MET F 101 -3.14 -6.45 -18.02
CA MET F 101 -4.18 -5.49 -17.75
C MET F 101 -5.15 -5.40 -18.95
N THR F 102 -4.65 -5.51 -20.18
CA THR F 102 -5.58 -5.53 -21.35
C THR F 102 -6.40 -6.81 -21.45
N THR F 103 -5.76 -7.94 -21.12
CA THR F 103 -6.50 -9.19 -21.09
C THR F 103 -7.61 -9.20 -20.01
N MET F 104 -7.28 -8.83 -18.81
CA MET F 104 -8.31 -8.63 -17.81
C MET F 104 -9.48 -7.82 -18.41
N THR F 105 -9.21 -6.62 -18.96
CA THR F 105 -10.25 -5.80 -19.62
C THR F 105 -11.08 -6.56 -20.66
N LEU F 106 -10.37 -7.28 -21.53
CA LEU F 106 -11.06 -8.07 -22.55
C LEU F 106 -12.06 -9.02 -21.88
N ARG F 107 -11.61 -9.70 -20.83
CA ARG F 107 -12.46 -10.61 -20.08
C ARG F 107 -13.66 -9.91 -19.49
N GLU F 108 -13.46 -8.75 -18.86
CA GLU F 108 -14.59 -8.06 -18.23
C GLU F 108 -15.59 -7.73 -19.31
N VAL F 109 -15.10 -7.46 -20.52
CA VAL F 109 -16.02 -7.15 -21.62
C VAL F 109 -16.70 -8.41 -22.13
N ALA F 110 -15.92 -9.47 -22.31
CA ALA F 110 -16.52 -10.72 -22.68
C ALA F 110 -17.71 -11.03 -21.74
N ILE F 111 -17.51 -10.85 -20.42
CA ILE F 111 -18.53 -11.15 -19.43
C ILE F 111 -19.78 -10.37 -19.68
N GLU F 112 -19.65 -9.06 -19.90
CA GLU F 112 -20.83 -8.23 -20.08
C GLU F 112 -21.52 -8.62 -21.33
N MET F 113 -20.69 -8.87 -22.32
CA MET F 113 -21.09 -9.25 -23.65
C MET F 113 -21.92 -10.51 -23.63
N LEU F 114 -21.47 -11.49 -22.86
CA LEU F 114 -22.18 -12.74 -22.70
C LEU F 114 -23.55 -12.45 -22.07
N GLU F 115 -23.54 -11.55 -21.10
CA GLU F 115 -24.74 -11.20 -20.41
C GLU F 115 -25.65 -10.55 -21.40
N LEU F 116 -25.08 -10.02 -22.48
CA LEU F 116 -25.88 -9.29 -23.46
C LEU F 116 -26.30 -10.21 -24.60
N TYR F 117 -25.48 -11.22 -24.90
CA TYR F 117 -25.84 -12.26 -25.87
C TYR F 117 -27.06 -13.04 -25.39
N LYS F 118 -27.12 -13.42 -24.12
CA LYS F 118 -28.21 -14.31 -23.72
C LYS F 118 -29.57 -13.61 -23.76
N LYS F 119 -29.77 -12.91 -24.88
CA LYS F 119 -31.00 -12.19 -25.22
C LYS F 119 -31.56 -11.27 -24.11
N MET G 18 1.39 -31.19 -17.91
CA MET G 18 1.99 -29.81 -17.88
C MET G 18 1.75 -29.10 -19.20
N ASN G 19 1.39 -27.82 -19.12
CA ASN G 19 1.07 -27.05 -20.32
C ASN G 19 2.28 -26.37 -20.97
N THR G 20 2.15 -26.05 -22.25
CA THR G 20 3.16 -25.31 -22.98
C THR G 20 3.67 -24.09 -22.17
N GLU G 21 2.79 -23.44 -21.43
CA GLU G 21 3.13 -22.24 -20.68
C GLU G 21 4.14 -22.51 -19.58
N GLU G 22 3.71 -23.21 -18.51
CA GLU G 22 4.61 -23.65 -17.43
C GLU G 22 5.97 -24.13 -17.98
N LEU G 23 5.91 -25.06 -18.93
CA LEU G 23 7.09 -25.59 -19.59
C LEU G 23 8.01 -24.53 -20.21
N GLN G 24 7.45 -23.62 -21.02
CA GLN G 24 8.22 -22.50 -21.54
C GLN G 24 8.90 -21.72 -20.40
N VAL G 25 8.15 -21.49 -19.33
CA VAL G 25 8.64 -20.69 -18.22
C VAL G 25 9.84 -21.37 -17.56
N ALA G 26 9.77 -22.69 -17.40
CA ALA G 26 10.83 -23.44 -16.71
C ALA G 26 12.09 -23.50 -17.61
N ALA G 27 11.92 -23.87 -18.88
CA ALA G 27 12.95 -23.69 -19.86
C ALA G 27 13.60 -22.30 -19.72
N PHE G 28 12.82 -21.25 -19.82
CA PHE G 28 13.36 -19.87 -19.78
C PHE G 28 14.04 -19.56 -18.44
N GLU G 29 13.49 -20.05 -17.34
CA GLU G 29 14.14 -19.90 -16.06
C GLU G 29 15.49 -20.61 -16.02
N ILE G 30 15.59 -21.73 -16.73
CA ILE G 30 16.80 -22.50 -16.74
C ILE G 30 17.87 -21.78 -17.55
N ILE G 31 17.50 -21.16 -18.66
CA ILE G 31 18.47 -20.53 -19.56
C ILE G 31 19.02 -19.26 -18.92
N LEU G 32 18.11 -18.46 -18.39
CA LEU G 32 18.50 -17.22 -17.72
C LEU G 32 19.48 -17.40 -16.58
N ASN G 33 19.15 -18.26 -15.61
CA ASN G 33 19.98 -18.51 -14.43
C ASN G 33 21.28 -19.26 -14.75
N SER G 34 21.17 -20.24 -15.62
CA SER G 34 22.36 -20.94 -16.08
C SER G 34 23.21 -19.98 -16.91
N GLY G 35 22.55 -19.12 -17.68
CA GLY G 35 23.25 -18.10 -18.47
C GLY G 35 24.02 -17.16 -17.57
N ASN G 36 23.34 -16.70 -16.53
CA ASN G 36 24.00 -15.86 -15.56
C ASN G 36 25.19 -16.61 -14.98
N ALA G 37 24.96 -17.84 -14.56
CA ALA G 37 25.99 -18.62 -13.91
C ALA G 37 27.23 -18.71 -14.79
N ARG G 38 27.01 -18.86 -16.11
CA ARG G 38 28.13 -19.09 -17.02
C ARG G 38 29.02 -17.86 -16.99
N SER G 39 28.38 -16.70 -17.02
CA SER G 39 29.11 -15.43 -17.06
C SER G 39 29.84 -15.22 -15.77
N ILE G 40 29.41 -15.88 -14.71
CA ILE G 40 30.10 -15.70 -13.42
C ILE G 40 31.30 -16.63 -13.37
N VAL G 41 31.13 -17.83 -13.93
CA VAL G 41 32.23 -18.75 -14.10
C VAL G 41 33.25 -18.08 -14.99
N HIS G 42 32.79 -17.45 -16.07
CA HIS G 42 33.73 -16.64 -16.82
C HIS G 42 34.36 -15.57 -15.93
N GLU G 43 33.58 -14.99 -15.01
CA GLU G 43 34.19 -13.95 -14.16
C GLU G 43 35.34 -14.48 -13.35
N ALA G 44 35.24 -15.77 -12.98
CA ALA G 44 36.27 -16.53 -12.28
C ALA G 44 37.51 -16.78 -13.12
N PHE G 45 37.35 -17.10 -14.41
CA PHE G 45 38.54 -17.33 -15.24
C PHE G 45 39.37 -16.04 -15.37
N ASP G 46 38.67 -14.92 -15.50
CA ASP G 46 39.33 -13.63 -15.70
C ASP G 46 40.18 -13.36 -14.46
N ALA G 47 39.54 -13.48 -13.31
CA ALA G 47 40.19 -13.52 -12.01
C ALA G 47 41.41 -14.44 -11.94
N MET G 48 41.29 -15.62 -12.51
CA MET G 48 42.40 -16.54 -12.49
C MET G 48 43.57 -16.00 -13.28
N ARG G 49 43.29 -15.38 -14.44
CA ARG G 49 44.35 -14.83 -15.29
C ARG G 49 45.08 -13.65 -14.63
N GLU G 50 44.37 -12.85 -13.83
CA GLU G 50 44.95 -11.71 -13.08
C GLU G 50 45.60 -12.20 -11.78
N LYS G 51 45.62 -13.50 -11.60
CA LYS G 51 46.03 -14.15 -10.35
C LYS G 51 45.35 -13.74 -9.02
N ASN G 52 44.09 -13.30 -9.08
CA ASN G 52 43.30 -13.11 -7.84
CA ASN G 52 43.27 -13.07 -7.90
C ASN G 52 42.46 -14.33 -7.56
N TYR G 53 43.12 -15.30 -6.96
CA TYR G 53 42.57 -16.59 -6.74
C TYR G 53 41.50 -16.58 -5.69
N ILE G 54 41.51 -15.53 -4.85
CA ILE G 54 40.49 -15.39 -3.85
C ILE G 54 39.22 -14.94 -4.56
N LEU G 55 39.37 -14.07 -5.57
CA LEU G 55 38.20 -13.67 -6.37
C LEU G 55 37.60 -14.85 -7.12
N ALA G 56 38.45 -15.56 -7.87
CA ALA G 56 38.05 -16.73 -8.65
C ALA G 56 37.27 -17.73 -7.80
N GLU G 57 37.88 -18.18 -6.70
CA GLU G 57 37.20 -19.03 -5.71
C GLU G 57 36.28 -18.13 -5.00
N GLN G 58 35.04 -18.02 -5.42
CA GLN G 58 34.14 -17.10 -4.80
C GLN G 58 33.25 -16.67 -5.89
N LYS G 59 33.85 -16.23 -6.98
CA LYS G 59 33.08 -16.16 -8.19
C LYS G 59 32.57 -17.58 -8.53
N LEU G 60 33.38 -18.60 -8.25
CA LEU G 60 32.92 -19.99 -8.40
C LEU G 60 31.76 -20.36 -7.49
N GLN G 61 31.78 -19.84 -6.25
CA GLN G 61 30.67 -20.00 -5.32
C GLN G 61 29.49 -19.15 -5.74
N GLU G 62 29.75 -17.88 -6.07
CA GLU G 62 28.66 -17.04 -6.58
C GLU G 62 27.91 -17.81 -7.66
N ALA G 63 28.66 -18.53 -8.50
CA ALA G 63 28.10 -19.16 -9.67
C ALA G 63 27.35 -20.42 -9.35
N ASN G 64 27.88 -21.21 -8.44
CA ASN G 64 27.22 -22.43 -8.05
C ASN G 64 25.85 -22.13 -7.52
N ASP G 65 25.79 -21.26 -6.51
CA ASP G 65 24.52 -21.04 -5.83
C ASP G 65 23.56 -20.33 -6.83
N GLU G 66 24.11 -19.74 -7.90
CA GLU G 66 23.26 -19.31 -9.03
C GLU G 66 22.81 -20.52 -9.87
N LEU G 67 23.71 -21.47 -10.11
CA LEU G 67 23.43 -22.65 -10.94
C LEU G 67 22.40 -23.55 -10.27
N LEU G 68 22.34 -23.45 -8.94
CA LEU G 68 21.36 -24.20 -8.19
C LEU G 68 19.93 -23.81 -8.49
N LYS G 69 19.71 -22.60 -8.99
CA LYS G 69 18.38 -22.14 -9.38
C LYS G 69 17.95 -22.75 -10.70
N ALA G 70 18.89 -22.88 -11.63
CA ALA G 70 18.64 -23.54 -12.88
C ALA G 70 18.54 -25.02 -12.61
N HIS G 71 19.41 -25.51 -11.75
CA HIS G 71 19.37 -26.93 -11.48
C HIS G 71 18.11 -27.31 -10.74
N GLN G 72 17.67 -26.43 -9.84
CA GLN G 72 16.45 -26.63 -9.12
C GLN G 72 15.36 -26.82 -10.15
N ALA G 73 15.13 -25.85 -11.03
CA ALA G 73 14.11 -26.02 -12.08
C ALA G 73 14.14 -27.37 -12.86
N GLN G 74 15.32 -27.83 -13.27
CA GLN G 74 15.41 -29.03 -14.11
C GLN G 74 14.98 -30.20 -13.29
N THR G 75 15.31 -30.18 -12.01
CA THR G 75 14.85 -31.30 -11.19
C THR G 75 13.32 -31.39 -11.05
N ASP G 76 12.63 -30.27 -10.86
CA ASP G 76 11.17 -30.33 -10.80
C ASP G 76 10.59 -31.02 -12.01
N LEU G 77 11.07 -30.61 -13.20
CA LEU G 77 10.68 -31.24 -14.45
C LEU G 77 10.92 -32.73 -14.34
N LEU G 78 12.14 -33.10 -13.93
CA LEU G 78 12.60 -34.50 -13.88
C LEU G 78 11.69 -35.30 -12.97
N GLN G 79 11.29 -34.70 -11.85
CA GLN G 79 10.50 -35.39 -10.88
C GLN G 79 9.04 -35.47 -11.32
N GLU G 80 8.58 -34.43 -12.03
CA GLU G 80 7.26 -34.41 -12.62
C GLU G 80 7.16 -35.54 -13.62
N TYR G 81 7.94 -35.48 -14.70
CA TYR G 81 8.07 -36.65 -15.56
C TYR G 81 8.51 -37.77 -14.63
N ALA G 82 7.73 -38.82 -14.49
CA ALA G 82 7.97 -39.81 -13.40
C ALA G 82 6.91 -39.66 -12.28
N SER G 83 6.02 -40.62 -12.29
CA SER G 83 4.63 -40.46 -11.85
C SER G 83 3.92 -40.81 -13.15
N GLY G 84 4.20 -40.01 -14.19
CA GLY G 84 3.63 -40.22 -15.52
C GLY G 84 2.99 -38.96 -16.07
N THR G 85 3.36 -37.81 -15.51
CA THR G 85 2.99 -36.55 -16.09
C THR G 85 3.74 -36.35 -17.42
N GLU G 86 2.97 -36.18 -18.49
CA GLU G 86 3.49 -36.09 -19.85
C GLU G 86 4.13 -34.71 -20.02
N ILE G 87 5.43 -34.69 -20.37
CA ILE G 87 6.17 -33.46 -20.71
C ILE G 87 6.54 -33.54 -22.19
N LYS G 88 6.05 -32.59 -22.97
CA LYS G 88 6.27 -32.60 -24.40
C LYS G 88 7.45 -31.69 -24.73
N ILE G 89 8.49 -32.29 -25.31
CA ILE G 89 9.79 -31.64 -25.44
C ILE G 89 9.94 -30.71 -26.64
N GLU G 90 10.22 -29.46 -26.34
CA GLU G 90 10.37 -28.44 -27.31
C GLU G 90 11.84 -28.13 -27.31
N ILE G 91 12.29 -27.43 -28.35
CA ILE G 91 13.70 -27.24 -28.52
C ILE G 91 14.26 -26.26 -27.55
N ILE G 92 13.49 -25.25 -27.13
CA ILE G 92 14.01 -24.36 -26.08
C ILE G 92 14.39 -25.19 -24.87
N MET G 93 13.64 -26.24 -24.61
CA MET G 93 13.97 -27.09 -23.48
C MET G 93 15.34 -27.80 -23.68
N VAL G 94 15.52 -28.49 -24.80
CA VAL G 94 16.74 -29.19 -25.11
C VAL G 94 17.88 -28.20 -24.86
N HIS G 95 17.69 -27.00 -25.39
CA HIS G 95 18.64 -25.90 -25.25
C HIS G 95 18.86 -25.40 -23.80
N ALA G 96 17.80 -25.37 -23.03
CA ALA G 96 17.92 -24.94 -21.67
C ALA G 96 18.78 -25.96 -20.95
N GLN G 97 18.42 -27.23 -21.09
CA GLN G 97 19.11 -28.35 -20.47
C GLN G 97 20.57 -28.36 -20.88
N ASP G 98 20.82 -28.21 -22.19
CA ASP G 98 22.18 -28.01 -22.68
C ASP G 98 22.92 -26.87 -21.92
N HIS G 99 22.29 -25.73 -21.87
CA HIS G 99 22.90 -24.57 -21.24
C HIS G 99 23.27 -24.93 -19.79
N LEU G 100 22.34 -25.56 -19.09
CA LEU G 100 22.57 -25.87 -17.70
C LEU G 100 23.69 -26.88 -17.57
N MET G 101 23.60 -27.94 -18.37
CA MET G 101 24.57 -29.02 -18.29
C MET G 101 25.98 -28.60 -18.79
N THR G 102 26.08 -27.88 -19.89
CA THR G 102 27.41 -27.36 -20.21
C THR G 102 27.95 -26.36 -19.20
N THR G 103 27.07 -25.52 -18.66
CA THR G 103 27.54 -24.55 -17.68
C THR G 103 28.07 -25.25 -16.46
N MET G 104 27.30 -26.18 -15.90
CA MET G 104 27.76 -26.97 -14.75
C MET G 104 29.12 -27.58 -15.01
N THR G 105 29.27 -28.24 -16.16
CA THR G 105 30.54 -28.77 -16.63
C THR G 105 31.66 -27.70 -16.68
N LEU G 106 31.34 -26.55 -17.27
CA LEU G 106 32.34 -25.48 -17.40
C LEU G 106 32.78 -25.02 -16.01
N ARG G 107 31.84 -25.08 -15.09
CA ARG G 107 32.14 -24.65 -13.76
C ARG G 107 33.05 -25.67 -13.05
N GLU G 108 32.79 -26.96 -13.26
CA GLU G 108 33.63 -28.04 -12.72
C GLU G 108 35.04 -27.95 -13.24
N VAL G 109 35.17 -27.59 -14.50
CA VAL G 109 36.50 -27.45 -15.06
C VAL G 109 37.20 -26.24 -14.39
N ALA G 110 36.51 -25.12 -14.34
CA ALA G 110 37.04 -23.92 -13.67
C ALA G 110 37.48 -24.26 -12.26
N ILE G 111 36.66 -24.99 -11.46
CA ILE G 111 37.16 -25.47 -10.20
C ILE G 111 38.54 -26.13 -10.34
N GLU G 112 38.74 -26.99 -11.35
CA GLU G 112 40.02 -27.72 -11.51
C GLU G 112 41.14 -26.83 -11.95
N MET G 113 40.77 -25.93 -12.83
CA MET G 113 41.70 -25.00 -13.41
C MET G 113 42.19 -24.12 -12.29
N LEU G 114 41.30 -23.80 -11.37
CA LEU G 114 41.68 -22.92 -10.28
C LEU G 114 42.82 -23.52 -9.49
N GLU G 115 42.66 -24.77 -9.05
CA GLU G 115 43.69 -25.47 -8.30
C GLU G 115 45.07 -25.40 -8.98
N LEU G 116 45.08 -25.73 -10.26
CA LEU G 116 46.25 -25.80 -11.07
C LEU G 116 46.92 -24.45 -11.16
N TYR G 117 46.14 -23.36 -11.20
CA TYR G 117 46.69 -22.00 -11.19
C TYR G 117 47.54 -21.67 -9.93
N LYS G 118 47.42 -22.48 -8.88
CA LYS G 118 48.30 -22.36 -7.71
C LYS G 118 49.46 -23.38 -7.79
N LYS G 119 50.50 -23.02 -8.55
CA LYS G 119 51.64 -23.91 -8.91
C LYS G 119 51.26 -25.35 -9.32
N MET H 18 5.15 -13.01 30.93
CA MET H 18 4.01 -12.22 30.33
C MET H 18 3.79 -10.88 31.04
N ASN H 19 3.85 -9.81 30.26
CA ASN H 19 3.81 -8.45 30.84
C ASN H 19 2.45 -7.96 31.23
N THR H 20 2.45 -6.96 32.10
CA THR H 20 1.24 -6.39 32.62
C THR H 20 0.39 -5.68 31.55
N GLU H 21 1.07 -4.98 30.64
CA GLU H 21 0.39 -4.31 29.52
C GLU H 21 -0.39 -5.26 28.64
N GLU H 22 0.18 -6.39 28.27
CA GLU H 22 -0.50 -7.34 27.41
C GLU H 22 -1.59 -8.11 28.14
N LEU H 23 -1.45 -8.22 29.46
CA LEU H 23 -2.52 -8.82 30.27
C LEU H 23 -3.71 -7.88 30.35
N GLN H 24 -3.47 -6.57 30.53
CA GLN H 24 -4.57 -5.61 30.44
C GLN H 24 -5.33 -5.70 29.12
N VAL H 25 -4.59 -5.89 28.03
CA VAL H 25 -5.16 -5.94 26.66
C VAL H 25 -6.06 -7.16 26.47
N ALA H 26 -5.51 -8.31 26.84
CA ALA H 26 -6.19 -9.60 26.78
C ALA H 26 -7.48 -9.47 27.58
N ALA H 27 -7.37 -8.92 28.78
CA ALA H 27 -8.55 -8.76 29.62
C ALA H 27 -9.57 -7.85 28.97
N PHE H 28 -9.15 -6.74 28.36
CA PHE H 28 -10.14 -5.87 27.73
C PHE H 28 -10.72 -6.53 26.51
N GLU H 29 -9.89 -7.30 25.81
CA GLU H 29 -10.39 -8.01 24.63
C GLU H 29 -11.55 -8.91 25.04
N ILE H 30 -11.27 -9.76 26.04
CA ILE H 30 -12.23 -10.69 26.61
C ILE H 30 -13.48 -9.98 27.10
N ILE H 31 -13.33 -8.95 27.92
CA ILE H 31 -14.48 -8.22 28.43
C ILE H 31 -15.31 -7.62 27.30
N LEU H 32 -14.62 -7.05 26.31
CA LEU H 32 -15.33 -6.28 25.31
C LEU H 32 -16.16 -7.16 24.43
N ASN H 33 -15.55 -8.21 23.92
CA ASN H 33 -16.27 -9.19 23.12
C ASN H 33 -17.34 -9.97 23.87
N SER H 34 -17.08 -10.36 25.13
CA SER H 34 -18.17 -10.93 25.97
C SER H 34 -19.36 -9.98 26.13
N GLY H 35 -19.08 -8.75 26.53
CA GLY H 35 -20.14 -7.74 26.66
C GLY H 35 -20.99 -7.78 25.39
N ASN H 36 -20.35 -7.60 24.24
CA ASN H 36 -21.07 -7.59 22.97
C ASN H 36 -21.88 -8.88 22.74
N ALA H 37 -21.25 -10.01 23.05
CA ALA H 37 -21.97 -11.26 23.04
C ALA H 37 -23.12 -11.22 24.04
N ARG H 38 -22.90 -10.63 25.21
CA ARG H 38 -23.93 -10.66 26.23
C ARG H 38 -25.16 -9.90 25.76
N SER H 39 -24.99 -8.76 25.10
CA SER H 39 -26.18 -8.01 24.61
C SER H 39 -26.82 -8.69 23.42
N ILE H 40 -26.02 -9.35 22.63
CA ILE H 40 -26.55 -10.06 21.49
C ILE H 40 -27.45 -11.19 21.99
N VAL H 41 -27.03 -11.88 23.07
CA VAL H 41 -27.86 -12.89 23.73
C VAL H 41 -29.14 -12.25 24.33
N HIS H 42 -29.03 -11.07 24.93
CA HIS H 42 -30.27 -10.39 25.36
C HIS H 42 -31.15 -10.04 24.14
N GLU H 43 -30.53 -9.66 23.02
CA GLU H 43 -31.32 -9.44 21.77
C GLU H 43 -32.15 -10.72 21.44
N ALA H 44 -31.51 -11.87 21.63
CA ALA H 44 -32.16 -13.16 21.39
C ALA H 44 -33.28 -13.30 22.38
N PHE H 45 -33.01 -13.22 23.67
CA PHE H 45 -34.08 -13.22 24.67
C PHE H 45 -35.22 -12.25 24.30
N ASP H 46 -34.90 -11.01 23.92
CA ASP H 46 -35.91 -10.05 23.49
C ASP H 46 -36.76 -10.64 22.35
N ALA H 47 -36.10 -11.19 21.34
CA ALA H 47 -36.78 -11.80 20.16
C ALA H 47 -37.65 -12.98 20.50
N MET H 48 -37.20 -13.76 21.46
CA MET H 48 -37.89 -14.94 21.93
C MET H 48 -39.24 -14.51 22.47
N ARG H 49 -39.27 -13.32 23.07
CA ARG H 49 -40.47 -12.84 23.76
C ARG H 49 -41.48 -12.32 22.75
N GLU H 50 -41.00 -11.78 21.63
CA GLU H 50 -41.90 -11.34 20.57
C GLU H 50 -42.51 -12.51 19.80
N LYS H 51 -41.87 -13.68 19.85
CA LYS H 51 -42.30 -14.88 19.12
C LYS H 51 -41.43 -15.17 17.91
N ASN H 52 -40.57 -14.20 17.55
CA ASN H 52 -39.65 -14.43 16.44
C ASN H 52 -38.50 -15.35 16.81
N TYR H 53 -38.75 -16.64 16.65
CA TYR H 53 -37.77 -17.66 16.88
C TYR H 53 -36.69 -17.72 15.81
N ILE H 54 -36.89 -17.03 14.70
CA ILE H 54 -35.86 -17.08 13.67
C ILE H 54 -34.81 -16.07 14.05
N LEU H 55 -35.25 -14.89 14.46
CA LEU H 55 -34.32 -13.84 14.76
C LEU H 55 -33.46 -14.27 15.95
N ALA H 56 -34.14 -14.67 17.04
CA ALA H 56 -33.49 -15.30 18.22
C ALA H 56 -32.39 -16.31 17.83
N GLU H 57 -32.79 -17.37 17.14
CA GLU H 57 -31.88 -18.40 16.63
C GLU H 57 -30.60 -17.78 15.99
N GLN H 58 -30.79 -16.78 15.10
CA GLN H 58 -29.64 -16.06 14.49
C GLN H 58 -28.79 -15.27 15.52
N LYS H 59 -29.46 -14.52 16.39
CA LYS H 59 -28.81 -13.80 17.44
C LYS H 59 -27.91 -14.75 18.24
N LEU H 60 -28.45 -15.94 18.54
CA LEU H 60 -27.71 -16.88 19.38
C LEU H 60 -26.46 -17.29 18.68
N GLN H 61 -26.50 -17.27 17.34
CA GLN H 61 -25.34 -17.61 16.49
C GLN H 61 -24.36 -16.44 16.37
N GLU H 62 -24.87 -15.24 16.15
CA GLU H 62 -24.00 -14.07 16.13
C GLU H 62 -23.33 -13.92 17.49
N ALA H 63 -24.10 -14.15 18.56
CA ALA H 63 -23.55 -14.14 19.94
C ALA H 63 -22.42 -15.10 20.06
N ASN H 64 -22.64 -16.34 19.65
CA ASN H 64 -21.58 -17.31 19.69
C ASN H 64 -20.34 -16.81 18.96
N ASP H 65 -20.51 -16.38 17.71
CA ASP H 65 -19.38 -15.88 16.90
C ASP H 65 -18.52 -14.86 17.65
N GLU H 66 -19.15 -13.96 18.40
CA GLU H 66 -18.39 -12.97 19.17
C GLU H 66 -17.74 -13.57 20.42
N LEU H 67 -18.46 -14.51 21.04
CA LEU H 67 -17.97 -15.17 22.24
C LEU H 67 -16.76 -16.05 21.94
N LEU H 68 -16.75 -16.67 20.76
CA LEU H 68 -15.61 -17.46 20.30
C LEU H 68 -14.32 -16.69 20.32
N LYS H 69 -14.46 -15.41 20.04
CA LYS H 69 -13.35 -14.53 20.01
C LYS H 69 -12.88 -14.27 21.44
N ALA H 70 -13.81 -13.99 22.36
CA ALA H 70 -13.43 -13.87 23.78
C ALA H 70 -12.85 -15.18 24.32
N HIS H 71 -13.49 -16.27 23.95
CA HIS H 71 -13.10 -17.59 24.38
C HIS H 71 -11.70 -17.98 23.91
N GLN H 72 -11.30 -17.57 22.71
CA GLN H 72 -9.97 -17.90 22.17
C GLN H 72 -8.93 -17.09 22.87
N ALA H 73 -9.26 -15.84 23.23
CA ALA H 73 -8.29 -15.08 23.99
C ALA H 73 -8.07 -15.84 25.29
N GLN H 74 -9.13 -16.24 25.96
CA GLN H 74 -8.94 -16.88 27.22
C GLN H 74 -8.11 -18.15 27.01
N THR H 75 -8.41 -18.87 25.93
CA THR H 75 -7.68 -20.07 25.63
C THR H 75 -6.19 -19.73 25.52
N ASP H 76 -5.88 -18.66 24.79
CA ASP H 76 -4.48 -18.29 24.61
C ASP H 76 -3.82 -18.10 25.94
N LEU H 77 -4.46 -17.36 26.82
CA LEU H 77 -3.88 -17.09 28.12
C LEU H 77 -3.60 -18.38 28.88
N LEU H 78 -4.51 -19.35 28.77
CA LEU H 78 -4.32 -20.65 29.44
C LEU H 78 -3.18 -21.52 28.86
N GLN H 79 -3.02 -21.54 27.53
CA GLN H 79 -1.91 -22.29 26.88
C GLN H 79 -0.54 -21.75 27.24
N GLU H 80 -0.39 -20.44 27.11
CA GLU H 80 0.69 -19.75 27.80
C GLU H 80 0.36 -19.95 29.26
N TYR H 81 1.31 -20.32 30.10
CA TYR H 81 0.93 -20.86 31.43
C TYR H 81 0.65 -22.36 31.30
N ALA H 82 1.05 -23.15 32.28
CA ALA H 82 0.98 -24.63 32.08
C ALA H 82 2.07 -25.15 31.13
N SER H 83 2.35 -24.37 30.05
CA SER H 83 3.62 -24.46 29.31
C SER H 83 4.74 -24.01 30.26
N GLY H 84 4.61 -22.78 30.80
CA GLY H 84 5.53 -22.29 31.82
C GLY H 84 5.45 -20.81 32.16
N THR H 85 4.99 -19.99 31.22
CA THR H 85 4.90 -18.55 31.43
C THR H 85 4.17 -18.10 32.74
N GLU H 86 4.82 -17.20 33.48
CA GLU H 86 4.23 -16.59 34.66
C GLU H 86 3.17 -15.59 34.19
N ILE H 87 1.97 -15.71 34.75
CA ILE H 87 0.87 -14.76 34.55
C ILE H 87 0.39 -14.28 35.90
N LYS H 88 0.70 -13.05 36.23
CA LYS H 88 0.20 -12.49 37.45
C LYS H 88 -1.26 -12.20 37.19
N ILE H 89 -2.10 -12.60 38.12
CA ILE H 89 -3.52 -12.29 37.99
C ILE H 89 -3.98 -10.98 38.63
N GLU H 90 -4.52 -10.12 37.77
CA GLU H 90 -5.18 -8.89 38.18
C GLU H 90 -6.69 -9.06 38.33
N ILE H 91 -7.28 -8.11 39.07
CA ILE H 91 -8.70 -8.03 39.18
C ILE H 91 -9.40 -7.83 37.83
N ILE H 92 -8.85 -7.10 36.87
CA ILE H 92 -9.55 -7.05 35.59
C ILE H 92 -9.56 -8.38 34.87
N MET H 93 -8.52 -9.19 35.05
CA MET H 93 -8.55 -10.50 34.45
C MET H 93 -9.65 -11.36 35.07
N VAL H 94 -9.65 -11.44 36.40
CA VAL H 94 -10.65 -12.21 37.08
C VAL H 94 -12.00 -11.74 36.52
N HIS H 95 -12.13 -10.41 36.35
CA HIS H 95 -13.40 -9.82 36.01
C HIS H 95 -13.80 -10.22 34.63
N ALA H 96 -12.80 -10.20 33.75
CA ALA H 96 -12.95 -10.59 32.36
C ALA H 96 -13.32 -12.10 32.24
N GLN H 97 -12.62 -12.95 33.00
CA GLN H 97 -12.96 -14.32 32.99
C GLN H 97 -14.38 -14.47 33.51
N ASP H 98 -14.76 -13.75 34.53
CA ASP H 98 -16.13 -13.89 34.99
C ASP H 98 -17.14 -13.54 33.89
N HIS H 99 -16.78 -12.55 33.07
CA HIS H 99 -17.72 -12.03 32.08
C HIS H 99 -17.87 -13.04 30.96
N LEU H 100 -16.75 -13.60 30.53
CA LEU H 100 -16.76 -14.55 29.45
C LEU H 100 -17.58 -15.78 29.91
N MET H 101 -17.21 -16.31 31.08
CA MET H 101 -17.76 -17.57 31.52
C MET H 101 -19.22 -17.39 31.84
N THR H 102 -19.56 -16.38 32.64
CA THR H 102 -20.99 -16.10 32.81
C THR H 102 -21.70 -15.89 31.47
N THR H 103 -21.07 -15.21 30.51
CA THR H 103 -21.73 -15.02 29.20
C THR H 103 -21.99 -16.33 28.43
N MET H 104 -21.01 -17.21 28.45
CA MET H 104 -21.18 -18.55 27.91
C MET H 104 -22.39 -19.22 28.48
N THR H 105 -22.45 -19.30 29.82
CA THR H 105 -23.58 -19.89 30.56
C THR H 105 -24.93 -19.31 30.14
N LEU H 106 -24.96 -17.98 30.00
CA LEU H 106 -26.22 -17.28 29.64
C LEU H 106 -26.66 -17.73 28.27
N ARG H 107 -25.70 -17.84 27.35
CA ARG H 107 -25.97 -18.33 26.00
C ARG H 107 -26.55 -19.77 26.09
N GLU H 108 -25.85 -20.67 26.81
CA GLU H 108 -26.39 -22.03 27.04
C GLU H 108 -27.82 -21.98 27.58
N VAL H 109 -28.10 -21.06 28.49
CA VAL H 109 -29.47 -20.92 28.92
C VAL H 109 -30.32 -20.39 27.76
N ALA H 110 -29.84 -19.43 27.00
CA ALA H 110 -30.69 -18.88 25.96
C ALA H 110 -31.15 -20.03 25.04
N ILE H 111 -30.17 -20.81 24.58
CA ILE H 111 -30.39 -21.95 23.69
C ILE H 111 -31.54 -22.82 24.21
N GLU H 112 -31.33 -23.41 25.38
CA GLU H 112 -32.33 -24.21 26.05
C GLU H 112 -33.67 -23.51 26.11
N MET H 113 -33.64 -22.24 26.41
CA MET H 113 -34.85 -21.51 26.64
C MET H 113 -35.60 -21.33 25.33
N LEU H 114 -34.87 -21.03 24.27
CA LEU H 114 -35.39 -20.97 22.89
C LEU H 114 -36.15 -22.21 22.45
N GLU H 115 -35.59 -23.39 22.73
CA GLU H 115 -36.24 -24.64 22.35
C GLU H 115 -37.52 -24.79 23.17
N LEU H 116 -37.52 -24.29 24.39
CA LEU H 116 -38.69 -24.41 25.23
C LEU H 116 -39.74 -23.36 24.87
N TYR H 117 -39.33 -22.29 24.20
CA TYR H 117 -40.28 -21.27 23.74
C TYR H 117 -41.22 -21.76 22.63
N LYS H 118 -40.62 -22.45 21.66
CA LYS H 118 -41.35 -23.13 20.60
C LYS H 118 -42.29 -24.20 21.20
N LYS H 119 -43.48 -23.75 21.62
CA LYS H 119 -44.49 -24.53 22.39
C LYS H 119 -44.14 -26.01 22.69
#